data_7SVI
#
_entry.id   7SVI
#
_cell.length_a   58.066
_cell.length_b   80.882
_cell.length_c   324.543
_cell.angle_alpha   90.000
_cell.angle_beta   90.000
_cell.angle_gamma   90.000
#
_symmetry.space_group_name_H-M   'P 2 21 21'
#
loop_
_entity.id
_entity.type
_entity.pdbx_description
1 polymer 'Choloylglycine hydrolase'
2 water water
#
_entity_poly.entity_id   1
_entity_poly.type   'polypeptide(L)'
_entity_poly.pdbx_seq_one_letter_code
;MCTGLRFTDEQGNLYFGRNLDVGQDYGEGVIITPRHYPLPYKFLDNTTTKKAVIGMGIVVDGYPSYFDCYNEDGLGIAGL
NFPHFAKFSDGPIDGKINLASYEIMLWVTQNFTHVSEVKEALKNVNLVNEAINSSFAVAPLHWIISDSDEAIIVEVSKQY
GMKVFEDKLGVLTNSPDFNWHLTNLGNYTGLNPHDATAQSWNGQKVAPWGVGTGSLGLPGDSIPADRFVKAAYLNANYPA
AKGEKANVAKFFNILKSVAMIKGSVVNVQGKDEYTVYTACYSSGSKTYYCNFEDDFELKTYKLDDKTMNSTSLITYHHHH
HH
;
_entity_poly.pdbx_strand_id   A,B,C,D
#
# COMPACT_ATOMS: atom_id res chain seq x y z
N CYS A 2 8.43 -15.54 -11.32
CA CYS A 2 8.58 -16.83 -10.68
C CYS A 2 8.76 -16.69 -9.19
N THR A 3 8.32 -17.70 -8.43
CA THR A 3 8.54 -17.74 -6.99
C THR A 3 9.02 -19.14 -6.64
N GLY A 4 10.16 -19.22 -5.96
CA GLY A 4 10.66 -20.47 -5.43
C GLY A 4 10.45 -20.53 -3.93
N LEU A 5 10.22 -21.74 -3.42
CA LEU A 5 9.90 -21.94 -2.02
C LEU A 5 10.49 -23.28 -1.56
N ARG A 6 11.06 -23.27 -0.35
CA ARG A 6 11.45 -24.51 0.31
C ARG A 6 11.14 -24.43 1.80
N PHE A 7 10.75 -25.56 2.37
CA PHE A 7 10.68 -25.71 3.81
C PHE A 7 10.77 -27.19 4.12
N THR A 8 10.93 -27.52 5.40
CA THR A 8 10.95 -28.91 5.83
C THR A 8 9.87 -29.16 6.88
N ASP A 9 9.59 -30.43 7.13
CA ASP A 9 8.82 -30.80 8.30
C ASP A 9 9.78 -31.05 9.46
N GLU A 10 9.26 -31.51 10.59
CA GLU A 10 10.11 -31.77 11.75
C GLU A 10 10.91 -33.07 11.60
N GLN A 11 10.68 -33.84 10.54
CA GLN A 11 11.38 -35.10 10.33
C GLN A 11 12.47 -35.01 9.28
N GLY A 12 12.79 -33.80 8.81
CA GLY A 12 13.82 -33.63 7.81
C GLY A 12 13.38 -33.84 6.38
N ASN A 13 12.09 -33.92 6.11
CA ASN A 13 11.60 -34.07 4.74
C ASN A 13 11.49 -32.69 4.10
N LEU A 14 12.02 -32.57 2.89
CA LEU A 14 12.05 -31.29 2.18
C LEU A 14 10.87 -31.21 1.22
N TYR A 15 10.27 -30.03 1.16
CA TYR A 15 9.29 -29.68 0.13
C TYR A 15 9.82 -28.43 -0.58
N PHE A 16 10.09 -28.56 -1.86
CA PHE A 16 10.86 -27.56 -2.61
C PHE A 16 10.33 -27.49 -4.03
N GLY A 17 10.09 -26.28 -4.51
CA GLY A 17 9.52 -26.14 -5.84
C GLY A 17 9.30 -24.67 -6.18
N ARG A 18 8.43 -24.43 -7.16
CA ARG A 18 8.32 -23.09 -7.71
C ARG A 18 7.04 -22.90 -8.51
N ASN A 19 6.65 -21.63 -8.66
CA ASN A 19 5.76 -21.16 -9.72
C ASN A 19 6.63 -20.75 -10.91
N LEU A 20 6.20 -21.14 -12.12
CA LEU A 20 6.83 -20.66 -13.35
C LEU A 20 5.93 -19.58 -13.93
N ASP A 21 6.44 -18.35 -13.98
CA ASP A 21 5.65 -17.19 -14.43
C ASP A 21 6.30 -16.71 -15.72
N VAL A 22 5.59 -16.88 -16.84
CA VAL A 22 6.17 -16.61 -18.15
C VAL A 22 5.16 -15.95 -19.08
N GLY A 23 5.68 -15.40 -20.17
CA GLY A 23 4.89 -14.68 -21.14
C GLY A 23 4.94 -15.25 -22.55
N GLN A 24 5.33 -16.52 -22.65
CA GLN A 24 5.42 -17.16 -23.95
C GLN A 24 5.33 -18.66 -23.75
N ASP A 25 5.05 -19.37 -24.83
CA ASP A 25 4.94 -20.83 -24.79
C ASP A 25 6.30 -21.46 -24.62
N TYR A 26 6.34 -22.55 -23.87
CA TYR A 26 7.51 -23.43 -23.83
C TYR A 26 7.18 -24.87 -24.13
N GLY A 27 5.91 -25.27 -24.12
CA GLY A 27 5.62 -26.69 -24.26
C GLY A 27 6.28 -27.52 -23.18
N GLU A 28 6.35 -26.99 -21.96
CA GLU A 28 7.06 -27.63 -20.87
C GLU A 28 6.34 -28.91 -20.43
N GLY A 29 7.10 -29.83 -19.84
CA GLY A 29 6.50 -31.03 -19.28
C GLY A 29 7.46 -31.67 -18.31
N VAL A 30 6.96 -32.68 -17.60
CA VAL A 30 7.79 -33.40 -16.63
C VAL A 30 8.76 -34.30 -17.38
N ILE A 31 10.02 -34.29 -16.94
CA ILE A 31 11.07 -35.10 -17.53
C ILE A 31 11.77 -35.86 -16.40
N ILE A 32 11.91 -37.17 -16.55
CA ILE A 32 12.77 -37.96 -15.66
C ILE A 32 14.03 -38.30 -16.44
N THR A 33 15.18 -37.82 -15.93
CA THR A 33 16.48 -38.18 -16.48
C THR A 33 16.98 -39.37 -15.68
N PRO A 34 17.13 -40.55 -16.27
CA PRO A 34 17.52 -41.74 -15.50
C PRO A 34 19.01 -41.75 -15.25
N ARG A 35 19.43 -42.71 -14.44
CA ARG A 35 20.85 -42.96 -14.22
C ARG A 35 21.50 -43.45 -15.51
N HIS A 36 22.80 -43.16 -15.65
CA HIS A 36 23.64 -43.66 -16.74
C HIS A 36 23.23 -43.13 -18.10
N TYR A 37 22.61 -41.97 -18.14
CA TYR A 37 22.14 -41.31 -19.35
C TYR A 37 23.23 -40.37 -19.88
N PRO A 38 23.38 -40.24 -21.19
CA PRO A 38 24.46 -39.38 -21.72
C PRO A 38 24.32 -37.94 -21.25
N LEU A 39 25.43 -37.37 -20.79
CA LEU A 39 25.47 -36.02 -20.21
C LEU A 39 26.63 -35.26 -20.82
N PRO A 40 26.39 -34.54 -21.92
CA PRO A 40 27.48 -33.75 -22.53
C PRO A 40 27.66 -32.41 -21.83
N TYR A 41 28.88 -31.88 -21.92
CA TYR A 41 29.23 -30.56 -21.40
C TYR A 41 29.98 -29.78 -22.46
N LYS A 42 29.72 -28.47 -22.53
CA LYS A 42 30.40 -27.62 -23.51
C LYS A 42 31.89 -27.50 -23.22
N PHE A 43 32.27 -27.38 -21.95
CA PHE A 43 33.64 -27.05 -21.57
C PHE A 43 34.25 -28.05 -20.62
N LEU A 44 33.63 -29.22 -20.46
CA LEU A 44 34.15 -30.30 -19.65
C LEU A 44 34.01 -31.58 -20.46
N ASP A 45 34.68 -32.63 -20.01
CA ASP A 45 34.52 -33.92 -20.67
C ASP A 45 33.09 -34.40 -20.54
N ASN A 46 32.54 -34.93 -21.63
CA ASN A 46 31.21 -35.51 -21.57
C ASN A 46 31.23 -36.73 -20.68
N THR A 47 30.09 -37.02 -20.07
CA THR A 47 30.02 -38.15 -19.15
C THR A 47 28.61 -38.74 -19.23
N THR A 48 28.23 -39.50 -18.20
CA THR A 48 26.87 -40.00 -18.08
C THR A 48 26.36 -39.63 -16.70
N THR A 49 25.04 -39.63 -16.55
CA THR A 49 24.46 -39.21 -15.28
C THR A 49 24.79 -40.18 -14.15
N LYS A 50 25.18 -39.61 -13.01
CA LYS A 50 25.43 -40.38 -11.80
C LYS A 50 24.16 -40.77 -11.08
N LYS A 51 23.08 -40.00 -11.22
CA LYS A 51 21.86 -40.29 -10.48
C LYS A 51 20.67 -39.82 -11.30
N ALA A 52 19.49 -40.28 -10.87
CA ALA A 52 18.26 -39.88 -11.54
C ALA A 52 17.79 -38.52 -11.02
N VAL A 53 17.16 -37.77 -11.92
CA VAL A 53 16.64 -36.44 -11.62
C VAL A 53 15.24 -36.33 -12.21
N ILE A 54 14.37 -35.59 -11.52
CA ILE A 54 13.02 -35.31 -12.00
C ILE A 54 12.82 -33.80 -11.96
N GLY A 55 11.98 -33.29 -12.86
CA GLY A 55 11.58 -31.89 -12.80
C GLY A 55 10.81 -31.51 -14.05
N MET A 56 10.70 -30.21 -14.29
CA MET A 56 9.99 -29.69 -15.44
C MET A 56 10.97 -29.06 -16.42
N GLY A 57 10.79 -29.35 -17.71
CA GLY A 57 11.67 -28.76 -18.68
C GLY A 57 11.27 -29.05 -20.10
N ILE A 58 12.24 -28.85 -21.00
CA ILE A 58 12.10 -29.20 -22.41
C ILE A 58 13.29 -30.09 -22.77
N VAL A 59 13.14 -30.81 -23.87
CA VAL A 59 14.21 -31.67 -24.40
C VAL A 59 14.74 -31.07 -25.69
N VAL A 60 16.05 -30.85 -25.74
CA VAL A 60 16.71 -30.29 -26.92
C VAL A 60 17.77 -31.30 -27.36
N ASP A 61 17.51 -31.96 -28.50
CA ASP A 61 18.43 -32.96 -29.06
C ASP A 61 18.88 -33.96 -27.99
N GLY A 62 17.92 -34.52 -27.27
CA GLY A 62 18.20 -35.50 -26.24
C GLY A 62 18.73 -34.95 -24.93
N TYR A 63 18.93 -33.64 -24.82
CA TYR A 63 19.39 -33.02 -23.57
C TYR A 63 18.20 -32.47 -22.82
N PRO A 64 17.96 -32.89 -21.59
CA PRO A 64 16.82 -32.35 -20.82
C PRO A 64 17.22 -31.04 -20.18
N SER A 65 16.58 -29.95 -20.61
CA SER A 65 16.88 -28.61 -20.12
C SER A 65 15.80 -28.20 -19.12
N TYR A 66 16.16 -28.17 -17.84
CA TYR A 66 15.18 -28.06 -16.77
C TYR A 66 14.96 -26.61 -16.32
N PHE A 67 13.69 -26.27 -16.08
CA PHE A 67 13.36 -25.07 -15.31
C PHE A 67 13.68 -25.25 -13.84
N ASP A 68 13.46 -26.46 -13.32
CA ASP A 68 13.73 -26.82 -11.94
C ASP A 68 13.80 -28.34 -11.90
N CYS A 69 14.71 -28.88 -11.08
CA CYS A 69 14.93 -30.32 -11.08
C CYS A 69 15.58 -30.75 -9.76
N TYR A 70 15.42 -32.04 -9.46
CA TYR A 70 15.67 -32.55 -8.11
C TYR A 70 16.22 -33.96 -8.26
N ASN A 71 17.31 -34.26 -7.54
CA ASN A 71 17.87 -35.60 -7.69
C ASN A 71 17.27 -36.57 -6.68
N GLU A 72 17.54 -37.86 -6.92
CA GLU A 72 17.03 -38.93 -6.07
C GLU A 72 17.60 -38.89 -4.66
N ASP A 73 18.64 -38.08 -4.41
CA ASP A 73 19.24 -37.98 -3.09
C ASP A 73 18.77 -36.75 -2.32
N GLY A 74 17.80 -36.00 -2.86
CA GLY A 74 17.14 -34.94 -2.12
C GLY A 74 17.67 -33.54 -2.34
N LEU A 75 18.55 -33.33 -3.32
CA LEU A 75 19.07 -32.00 -3.64
C LEU A 75 18.40 -31.50 -4.91
N GLY A 76 17.96 -30.23 -4.90
CA GLY A 76 17.33 -29.67 -6.08
C GLY A 76 17.80 -28.25 -6.37
N ILE A 77 17.36 -27.76 -7.53
CA ILE A 77 17.72 -26.43 -8.00
C ILE A 77 16.59 -25.91 -8.90
N ALA A 78 16.29 -24.61 -8.78
CA ALA A 78 15.33 -23.96 -9.66
C ALA A 78 15.97 -22.73 -10.25
N GLY A 79 15.83 -22.57 -11.56
CA GLY A 79 16.30 -21.38 -12.25
C GLY A 79 15.16 -20.40 -12.47
N LEU A 80 15.34 -19.18 -11.97
CA LEU A 80 14.30 -18.15 -12.01
C LEU A 80 14.83 -16.93 -12.77
N ASN A 81 13.94 -16.23 -13.47
CA ASN A 81 14.37 -15.09 -14.29
C ASN A 81 15.02 -14.03 -13.42
N PHE A 82 16.09 -13.43 -13.95
CA PHE A 82 16.90 -12.43 -13.25
C PHE A 82 17.31 -11.35 -14.24
N PRO A 83 16.35 -10.74 -14.92
CA PRO A 83 16.68 -9.77 -15.98
C PRO A 83 17.26 -8.49 -15.40
N HIS A 84 17.98 -7.77 -16.25
CA HIS A 84 18.67 -6.53 -15.89
C HIS A 84 19.81 -6.75 -14.90
N PHE A 85 20.19 -8.00 -14.66
CA PHE A 85 21.22 -8.32 -13.66
C PHE A 85 22.10 -9.45 -14.15
N ALA A 86 21.50 -10.58 -14.52
CA ALA A 86 22.28 -11.75 -14.86
C ALA A 86 23.25 -11.43 -15.99
N LYS A 87 24.52 -11.80 -15.79
CA LYS A 87 25.54 -11.64 -16.82
C LYS A 87 26.57 -12.73 -16.63
N PHE A 88 26.81 -13.51 -17.68
CA PHE A 88 27.78 -14.59 -17.64
C PHE A 88 28.97 -14.24 -18.53
N SER A 89 30.02 -15.04 -18.45
CA SER A 89 31.28 -14.64 -19.07
C SER A 89 31.26 -14.82 -20.59
N ASP A 90 32.12 -14.06 -21.26
CA ASP A 90 32.33 -14.23 -22.69
C ASP A 90 33.35 -15.36 -22.86
N GLY A 91 32.85 -16.57 -23.07
CA GLY A 91 33.70 -17.72 -23.23
C GLY A 91 34.22 -18.24 -21.92
N PRO A 92 34.79 -19.45 -21.95
CA PRO A 92 35.33 -20.04 -20.72
C PRO A 92 36.57 -19.31 -20.25
N ILE A 93 36.87 -19.49 -18.97
CA ILE A 93 38.02 -18.85 -18.32
C ILE A 93 38.97 -19.95 -17.86
N ASP A 94 40.25 -19.81 -18.21
CA ASP A 94 41.24 -20.81 -17.85
C ASP A 94 41.30 -21.00 -16.34
N GLY A 95 41.40 -22.26 -15.91
CA GLY A 95 41.55 -22.59 -14.50
C GLY A 95 40.26 -22.74 -13.73
N LYS A 96 39.11 -22.49 -14.37
CA LYS A 96 37.82 -22.61 -13.73
C LYS A 96 37.13 -23.87 -14.23
N ILE A 97 36.15 -24.34 -13.46
CA ILE A 97 35.17 -25.29 -13.97
C ILE A 97 34.14 -24.45 -14.73
N ASN A 98 34.19 -24.52 -16.06
CA ASN A 98 33.35 -23.68 -16.90
C ASN A 98 32.07 -24.41 -17.26
N LEU A 99 30.93 -23.76 -17.02
CA LEU A 99 29.61 -24.27 -17.36
C LEU A 99 28.89 -23.19 -18.16
N ALA A 100 28.38 -23.56 -19.33
CA ALA A 100 27.35 -22.74 -19.94
C ALA A 100 26.23 -22.62 -18.91
N SER A 101 25.62 -21.44 -18.82
CA SER A 101 24.72 -21.19 -17.69
C SER A 101 23.61 -22.24 -17.60
N TYR A 102 23.12 -22.74 -18.74
CA TYR A 102 22.06 -23.76 -18.68
C TYR A 102 22.55 -25.07 -18.08
N GLU A 103 23.87 -25.30 -18.06
CA GLU A 103 24.41 -26.56 -17.56
C GLU A 103 24.41 -26.66 -16.04
N ILE A 104 24.16 -25.56 -15.32
CA ILE A 104 24.23 -25.64 -13.87
C ILE A 104 23.15 -26.55 -13.30
N MET A 105 22.00 -26.64 -13.98
CA MET A 105 20.89 -27.44 -13.46
C MET A 105 21.33 -28.88 -13.23
N LEU A 106 21.92 -29.50 -14.25
CA LEU A 106 22.35 -30.89 -14.12
C LEU A 106 23.72 -31.00 -13.46
N TRP A 107 24.58 -29.98 -13.58
CA TRP A 107 25.85 -30.06 -12.87
C TRP A 107 25.62 -30.15 -11.36
N VAL A 108 24.73 -29.33 -10.82
CA VAL A 108 24.46 -29.37 -9.38
C VAL A 108 23.79 -30.68 -9.00
N THR A 109 22.72 -31.06 -9.71
CA THR A 109 21.96 -32.23 -9.28
C THR A 109 22.65 -33.56 -9.57
N GLN A 110 23.58 -33.59 -10.53
CA GLN A 110 24.26 -34.85 -10.82
C GLN A 110 25.44 -35.09 -9.90
N ASN A 111 26.11 -34.03 -9.46
CA ASN A 111 27.39 -34.18 -8.79
C ASN A 111 27.36 -34.08 -7.28
N PHE A 112 26.20 -33.77 -6.67
CA PHE A 112 26.17 -33.47 -5.24
C PHE A 112 24.91 -34.00 -4.59
N THR A 113 25.01 -34.17 -3.27
CA THR A 113 23.88 -34.46 -2.41
C THR A 113 23.59 -33.35 -1.41
N HIS A 114 24.61 -32.61 -0.98
CA HIS A 114 24.44 -31.60 0.05
C HIS A 114 24.89 -30.23 -0.43
N VAL A 115 24.10 -29.21 -0.04
CA VAL A 115 24.38 -27.83 -0.40
C VAL A 115 25.77 -27.39 0.06
N SER A 116 26.21 -27.88 1.22
CA SER A 116 27.53 -27.49 1.71
C SER A 116 28.63 -27.85 0.70
N GLU A 117 28.48 -29.01 0.06
CA GLU A 117 29.46 -29.42 -0.94
C GLU A 117 29.30 -28.63 -2.22
N VAL A 118 28.06 -28.30 -2.60
CA VAL A 118 27.87 -27.44 -3.75
C VAL A 118 28.58 -26.10 -3.54
N LYS A 119 28.41 -25.51 -2.37
CA LYS A 119 29.00 -24.19 -2.12
C LYS A 119 30.50 -24.21 -2.25
N GLU A 120 31.14 -25.24 -1.70
CA GLU A 120 32.59 -25.36 -1.81
C GLU A 120 33.00 -25.51 -3.28
N ALA A 121 32.27 -26.33 -4.04
CA ALA A 121 32.64 -26.54 -5.44
C ALA A 121 32.44 -25.28 -6.27
N LEU A 122 31.43 -24.46 -5.92
CA LEU A 122 31.12 -23.27 -6.70
C LEU A 122 32.22 -22.23 -6.62
N LYS A 123 33.10 -22.33 -5.62
CA LYS A 123 34.23 -21.41 -5.51
C LYS A 123 35.13 -21.41 -6.74
N ASN A 124 35.10 -22.47 -7.55
CA ASN A 124 35.91 -22.50 -8.77
C ASN A 124 35.08 -22.67 -10.04
N VAL A 125 33.78 -22.35 -9.98
CA VAL A 125 32.91 -22.47 -11.14
C VAL A 125 32.80 -21.12 -11.82
N ASN A 126 32.84 -21.12 -13.15
CA ASN A 126 32.57 -19.93 -13.95
C ASN A 126 31.42 -20.23 -14.90
N LEU A 127 30.38 -19.40 -14.86
CA LEU A 127 29.24 -19.55 -15.76
C LEU A 127 29.48 -18.74 -17.03
N VAL A 128 29.22 -19.37 -18.17
CA VAL A 128 29.54 -18.83 -19.48
C VAL A 128 28.26 -18.46 -20.21
N ASN A 129 28.31 -17.32 -20.93
CA ASN A 129 27.20 -16.84 -21.73
C ASN A 129 27.20 -17.61 -23.05
N GLU A 130 26.65 -18.83 -23.00
CA GLU A 130 26.54 -19.64 -24.20
C GLU A 130 25.29 -20.50 -24.12
N ALA A 131 24.50 -20.50 -25.19
CA ALA A 131 23.24 -21.22 -25.22
C ALA A 131 23.47 -22.68 -25.60
N ILE A 132 22.42 -23.48 -25.43
CA ILE A 132 22.50 -24.91 -25.73
C ILE A 132 22.84 -25.13 -27.20
N ASN A 133 22.25 -24.31 -28.09
CA ASN A 133 22.68 -24.19 -29.46
C ASN A 133 22.29 -22.81 -29.96
N SER A 134 22.68 -22.50 -31.21
CA SER A 134 22.50 -21.15 -31.75
C SER A 134 21.05 -20.78 -31.99
N SER A 135 20.11 -21.70 -31.86
CA SER A 135 18.70 -21.40 -32.03
C SER A 135 18.04 -20.92 -30.75
N PHE A 136 18.78 -20.83 -29.65
CA PHE A 136 18.25 -20.41 -28.36
C PHE A 136 19.01 -19.21 -27.84
N ALA A 137 18.30 -18.34 -27.16
CA ALA A 137 18.95 -17.27 -26.42
C ALA A 137 19.38 -17.80 -25.06
N VAL A 138 20.34 -17.10 -24.46
CA VAL A 138 20.78 -17.42 -23.10
C VAL A 138 19.81 -16.78 -22.11
N ALA A 139 19.20 -17.59 -21.27
CA ALA A 139 18.22 -17.08 -20.32
C ALA A 139 18.92 -16.36 -19.17
N PRO A 140 18.49 -15.15 -18.80
CA PRO A 140 19.16 -14.45 -17.70
C PRO A 140 18.67 -14.93 -16.34
N LEU A 141 19.24 -16.00 -15.81
CA LEU A 141 18.71 -16.67 -14.64
C LEU A 141 19.52 -16.39 -13.38
N HIS A 142 18.86 -16.57 -12.24
CA HIS A 142 19.51 -16.86 -10.95
C HIS A 142 18.86 -18.12 -10.38
N TRP A 143 19.46 -18.66 -9.31
CA TRP A 143 19.11 -20.00 -8.88
C TRP A 143 18.93 -20.08 -7.38
N ILE A 144 17.97 -20.90 -6.95
CA ILE A 144 17.87 -21.35 -5.57
C ILE A 144 18.18 -22.84 -5.55
N ILE A 145 19.06 -23.25 -4.63
CA ILE A 145 19.51 -24.64 -4.48
C ILE A 145 19.21 -25.05 -3.05
N SER A 146 18.62 -26.23 -2.85
CA SER A 146 18.27 -26.61 -1.50
C SER A 146 18.39 -28.12 -1.29
N ASP A 147 18.80 -28.49 -0.09
CA ASP A 147 18.60 -29.82 0.46
C ASP A 147 17.71 -29.68 1.69
N SER A 148 17.63 -30.75 2.49
CA SER A 148 16.80 -30.70 3.70
C SER A 148 17.43 -29.85 4.79
N ASP A 149 18.72 -29.53 4.67
CA ASP A 149 19.42 -28.82 5.73
C ASP A 149 19.48 -27.32 5.51
N GLU A 150 19.58 -26.88 4.26
CA GLU A 150 19.77 -25.46 4.00
C GLU A 150 19.52 -25.20 2.52
N ALA A 151 19.41 -23.91 2.20
CA ALA A 151 19.24 -23.45 0.84
C ALA A 151 20.24 -22.31 0.59
N ILE A 152 20.68 -22.21 -0.67
CA ILE A 152 21.52 -21.09 -1.09
C ILE A 152 20.93 -20.47 -2.35
N ILE A 153 21.29 -19.20 -2.56
CA ILE A 153 20.99 -18.47 -3.78
C ILE A 153 22.30 -18.24 -4.51
N VAL A 154 22.29 -18.49 -5.82
CA VAL A 154 23.44 -18.23 -6.68
C VAL A 154 23.03 -17.14 -7.65
N GLU A 155 23.80 -16.03 -7.65
CA GLU A 155 23.57 -14.92 -8.56
C GLU A 155 24.89 -14.50 -9.18
N VAL A 156 24.90 -14.32 -10.50
CA VAL A 156 26.07 -13.85 -11.23
C VAL A 156 25.60 -12.65 -12.04
N SER A 157 26.06 -11.46 -11.67
CA SER A 157 25.54 -10.24 -12.25
C SER A 157 26.68 -9.34 -12.71
N LYS A 158 26.35 -8.41 -13.60
CA LYS A 158 27.31 -7.37 -13.94
C LYS A 158 27.63 -6.51 -12.73
N GLN A 159 26.64 -6.30 -11.86
CA GLN A 159 26.82 -5.39 -10.72
C GLN A 159 27.76 -5.99 -9.67
N TYR A 160 27.68 -7.30 -9.41
CA TYR A 160 28.32 -7.87 -8.25
C TYR A 160 29.18 -9.11 -8.53
N GLY A 161 29.24 -9.55 -9.78
CA GLY A 161 29.93 -10.81 -10.05
C GLY A 161 29.16 -11.98 -9.47
N MET A 162 29.91 -13.04 -9.13
CA MET A 162 29.30 -14.26 -8.62
C MET A 162 29.13 -14.16 -7.12
N LYS A 163 27.89 -14.30 -6.65
CA LYS A 163 27.58 -14.25 -5.23
C LYS A 163 26.80 -15.50 -4.83
N VAL A 164 27.08 -16.00 -3.64
CA VAL A 164 26.37 -17.15 -3.08
C VAL A 164 25.87 -16.75 -1.69
N PHE A 165 24.56 -16.78 -1.50
CA PHE A 165 23.93 -16.33 -0.27
C PHE A 165 23.24 -17.49 0.42
N GLU A 166 23.29 -17.49 1.75
CA GLU A 166 22.44 -18.36 2.53
C GLU A 166 21.00 -17.84 2.45
N ASP A 167 20.04 -18.76 2.37
CA ASP A 167 18.61 -18.41 2.20
C ASP A 167 17.77 -19.03 3.30
N LYS A 168 17.91 -18.50 4.53
CA LYS A 168 17.10 -18.96 5.64
C LYS A 168 15.62 -18.70 5.39
N LEU A 169 15.30 -17.67 4.61
CA LEU A 169 13.91 -17.32 4.36
C LEU A 169 13.17 -18.40 3.59
N GLY A 170 13.88 -19.18 2.79
CA GLY A 170 13.27 -20.24 2.00
C GLY A 170 12.60 -19.81 0.71
N VAL A 171 12.82 -18.57 0.24
CA VAL A 171 12.12 -18.05 -0.92
C VAL A 171 13.09 -17.36 -1.88
N LEU A 172 12.65 -17.27 -3.14
CA LEU A 172 13.33 -16.48 -4.16
C LEU A 172 12.28 -16.02 -5.17
N THR A 173 12.47 -14.82 -5.72
CA THR A 173 11.65 -14.39 -6.85
C THR A 173 12.53 -13.96 -8.01
N ASN A 174 12.41 -12.70 -8.43
CA ASN A 174 13.12 -12.20 -9.60
C ASN A 174 13.93 -10.97 -9.22
N SER A 175 14.19 -10.06 -10.16
CA SER A 175 15.10 -8.95 -9.90
C SER A 175 14.46 -7.93 -8.97
N PRO A 176 15.29 -7.17 -8.21
CA PRO A 176 16.76 -7.14 -8.23
C PRO A 176 17.44 -8.25 -7.42
N ASP A 177 18.70 -8.02 -7.02
CA ASP A 177 19.53 -9.05 -6.42
C ASP A 177 19.02 -9.45 -5.04
N PHE A 178 19.52 -10.60 -4.57
CA PHE A 178 18.99 -11.18 -3.32
C PHE A 178 19.21 -10.26 -2.13
N ASN A 179 20.40 -9.66 -2.02
CA ASN A 179 20.65 -8.80 -0.87
C ASN A 179 19.69 -7.61 -0.86
N TRP A 180 19.33 -7.09 -2.04
CA TRP A 180 18.36 -6.01 -2.08
C TRP A 180 17.04 -6.44 -1.45
N HIS A 181 16.56 -7.63 -1.81
CA HIS A 181 15.29 -8.11 -1.25
C HIS A 181 15.39 -8.34 0.25
N LEU A 182 16.47 -8.98 0.71
CA LEU A 182 16.65 -9.19 2.15
C LEU A 182 16.58 -7.86 2.88
N THR A 183 17.24 -6.84 2.32
CA THR A 183 17.24 -5.52 2.94
C THR A 183 15.84 -4.93 2.96
N ASN A 184 15.07 -5.18 1.90
CA ASN A 184 13.70 -4.67 1.82
C ASN A 184 12.83 -5.18 2.97
N LEU A 185 13.07 -6.40 3.45
CA LEU A 185 12.19 -6.95 4.49
C LEU A 185 12.14 -6.06 5.73
N GLY A 186 13.24 -5.39 6.07
CA GLY A 186 13.25 -4.51 7.23
C GLY A 186 12.19 -3.42 7.16
N ASN A 187 11.78 -3.05 5.94
CA ASN A 187 10.75 -2.03 5.75
C ASN A 187 9.35 -2.56 5.99
N TYR A 188 9.21 -3.87 6.20
CA TYR A 188 7.91 -4.52 6.41
C TYR A 188 7.81 -5.12 7.80
N THR A 189 8.67 -4.69 8.73
CA THR A 189 8.59 -5.18 10.10
C THR A 189 7.31 -4.75 10.81
N GLY A 190 6.57 -3.77 10.27
CA GLY A 190 5.29 -3.41 10.84
C GLY A 190 4.20 -4.47 10.67
N LEU A 191 4.42 -5.43 9.78
CA LEU A 191 3.46 -6.52 9.59
C LEU A 191 3.36 -7.36 10.84
N ASN A 192 2.14 -7.76 11.20
CA ASN A 192 1.92 -8.57 12.38
C ASN A 192 0.75 -9.50 12.11
N PRO A 193 0.90 -10.82 12.26
CA PRO A 193 -0.26 -11.71 12.08
C PRO A 193 -1.41 -11.41 13.03
N HIS A 194 -1.13 -10.82 14.19
CA HIS A 194 -2.18 -10.59 15.18
C HIS A 194 -3.08 -9.43 14.75
N ASP A 195 -4.39 -9.66 14.81
CA ASP A 195 -5.37 -8.65 14.45
C ASP A 195 -5.29 -7.46 15.39
N ALA A 196 -5.60 -6.29 14.87
CA ALA A 196 -5.77 -5.11 15.71
C ALA A 196 -7.06 -5.21 16.50
N THR A 197 -7.20 -4.31 17.46
CA THR A 197 -8.38 -4.24 18.31
C THR A 197 -9.07 -2.89 18.12
N ALA A 198 -10.26 -2.77 18.72
CA ALA A 198 -10.99 -1.51 18.68
C ALA A 198 -10.16 -0.38 19.26
N GLN A 199 -10.28 0.80 18.66
CA GLN A 199 -9.47 1.96 18.99
C GLN A 199 -10.37 3.18 19.13
N SER A 200 -9.79 4.26 19.66
CA SER A 200 -10.48 5.55 19.77
C SER A 200 -9.61 6.58 19.07
N TRP A 201 -10.11 7.13 17.97
CA TRP A 201 -9.39 8.15 17.21
C TRP A 201 -10.07 9.47 17.55
N ASN A 202 -9.43 10.27 18.42
CA ASN A 202 -10.00 11.54 18.86
C ASN A 202 -11.39 11.35 19.46
N GLY A 203 -11.60 10.22 20.14
CA GLY A 203 -12.89 9.90 20.71
C GLY A 203 -13.86 9.19 19.79
N GLN A 204 -13.52 9.04 18.51
CA GLN A 204 -14.34 8.30 17.57
C GLN A 204 -13.97 6.82 17.63
N LYS A 205 -14.94 5.97 17.94
CA LYS A 205 -14.69 4.54 17.96
C LYS A 205 -14.36 4.05 16.55
N VAL A 206 -13.21 3.39 16.42
CA VAL A 206 -12.77 2.82 15.15
C VAL A 206 -12.37 1.37 15.42
N ALA A 207 -13.03 0.44 14.74
CA ALA A 207 -12.85 -0.98 15.03
C ALA A 207 -12.71 -1.76 13.74
N PRO A 208 -11.95 -2.87 13.76
CA PRO A 208 -11.89 -3.74 12.58
C PRO A 208 -13.27 -4.21 12.13
N TRP A 209 -13.42 -4.38 10.81
CA TRP A 209 -14.61 -4.99 10.24
C TRP A 209 -14.47 -6.50 10.07
N GLY A 210 -13.25 -7.00 10.08
CA GLY A 210 -12.99 -8.42 9.90
C GLY A 210 -11.55 -8.71 10.26
N VAL A 211 -11.19 -9.97 10.15
CA VAL A 211 -9.83 -10.37 10.54
C VAL A 211 -8.84 -9.98 9.45
N GLY A 212 -7.57 -9.88 9.84
CA GLY A 212 -6.48 -9.62 8.93
C GLY A 212 -5.84 -8.26 9.05
N THR A 213 -6.30 -7.43 9.99
CA THR A 213 -5.90 -6.03 10.06
C THR A 213 -4.42 -5.84 10.36
N GLY A 214 -3.77 -6.80 11.02
CA GLY A 214 -2.37 -6.66 11.38
C GLY A 214 -1.41 -6.67 10.21
N SER A 215 -1.83 -7.21 9.07
CA SER A 215 -0.98 -7.29 7.87
C SER A 215 -1.24 -6.15 6.89
N LEU A 216 -1.87 -5.06 7.34
CA LEU A 216 -1.98 -3.84 6.56
C LEU A 216 -0.66 -3.52 5.89
N GLY A 217 -0.70 -3.27 4.59
CA GLY A 217 0.49 -2.94 3.83
C GLY A 217 1.18 -4.10 3.16
N LEU A 218 0.72 -5.32 3.38
CA LEU A 218 1.26 -6.47 2.64
C LEU A 218 0.88 -6.33 1.18
N PRO A 219 1.82 -6.31 0.25
CA PRO A 219 1.48 -6.07 -1.15
C PRO A 219 0.97 -7.33 -1.81
N GLY A 220 0.02 -7.15 -2.74
CA GLY A 220 -0.60 -8.28 -3.42
C GLY A 220 -0.41 -8.29 -4.93
N ASP A 221 0.37 -7.36 -5.45
CA ASP A 221 0.71 -7.33 -6.86
C ASP A 221 1.87 -8.30 -7.14
N SER A 222 2.24 -8.38 -8.41
CA SER A 222 3.22 -9.37 -8.88
C SER A 222 4.62 -8.81 -9.11
N ILE A 223 4.87 -7.54 -8.79
CA ILE A 223 6.24 -7.00 -8.86
C ILE A 223 7.16 -7.94 -8.07
N PRO A 224 8.34 -8.29 -8.57
CA PRO A 224 9.14 -9.32 -7.86
C PRO A 224 9.41 -8.99 -6.40
N ALA A 225 9.73 -7.73 -6.08
CA ALA A 225 9.96 -7.34 -4.69
C ALA A 225 8.74 -7.63 -3.83
N ASP A 226 7.56 -7.47 -4.39
CA ASP A 226 6.34 -7.63 -3.61
C ASP A 226 6.00 -9.08 -3.35
N ARG A 227 6.11 -9.94 -4.38
CA ARG A 227 5.98 -11.37 -4.14
C ARG A 227 7.03 -11.89 -3.17
N PHE A 228 8.24 -11.33 -3.20
CA PHE A 228 9.28 -11.76 -2.28
C PHE A 228 8.87 -11.48 -0.85
N VAL A 229 8.45 -10.24 -0.57
CA VAL A 229 7.97 -9.88 0.76
C VAL A 229 6.86 -10.82 1.19
N LYS A 230 5.83 -10.97 0.36
CA LYS A 230 4.69 -11.78 0.78
C LYS A 230 5.09 -13.25 0.96
N ALA A 231 5.85 -13.81 0.02
CA ALA A 231 6.24 -15.21 0.14
C ALA A 231 7.08 -15.44 1.39
N ALA A 232 8.03 -14.53 1.66
CA ALA A 232 8.84 -14.66 2.87
C ALA A 232 7.99 -14.60 4.12
N TYR A 233 7.01 -13.67 4.15
CA TYR A 233 6.18 -13.47 5.33
C TYR A 233 5.29 -14.68 5.57
N LEU A 234 4.70 -15.22 4.50
CA LEU A 234 3.85 -16.41 4.65
C LEU A 234 4.67 -17.61 5.10
N ASN A 235 5.85 -17.81 4.52
CA ASN A 235 6.66 -18.96 4.92
C ASN A 235 7.13 -18.83 6.35
N ALA A 236 7.48 -17.60 6.76
CA ALA A 236 7.94 -17.38 8.13
C ALA A 236 6.87 -17.70 9.15
N ASN A 237 5.60 -17.47 8.81
CA ASN A 237 4.53 -17.60 9.78
C ASN A 237 3.68 -18.86 9.61
N TYR A 238 3.88 -19.64 8.56
CA TYR A 238 3.09 -20.87 8.37
C TYR A 238 3.61 -21.92 9.35
N PRO A 239 2.77 -22.46 10.22
CA PRO A 239 3.26 -23.41 11.21
C PRO A 239 3.71 -24.73 10.58
N ALA A 240 4.35 -25.54 11.41
CA ALA A 240 4.78 -26.86 10.97
C ALA A 240 3.57 -27.69 10.56
N ALA A 241 3.75 -28.49 9.50
CA ALA A 241 2.75 -29.41 9.02
C ALA A 241 3.29 -30.82 9.16
N LYS A 242 2.40 -31.78 9.41
CA LYS A 242 2.78 -33.17 9.67
C LYS A 242 2.28 -34.06 8.54
N GLY A 243 3.18 -34.83 7.93
CA GLY A 243 2.81 -35.80 6.92
C GLY A 243 2.87 -35.24 5.50
N GLU A 244 2.84 -36.16 4.54
CA GLU A 244 3.04 -35.78 3.15
C GLU A 244 1.90 -34.90 2.63
N LYS A 245 0.66 -35.30 2.87
CA LYS A 245 -0.47 -34.55 2.32
C LYS A 245 -0.50 -33.14 2.87
N ALA A 246 -0.32 -32.99 4.18
CA ALA A 246 -0.40 -31.67 4.78
C ALA A 246 0.75 -30.78 4.32
N ASN A 247 1.93 -31.36 4.15
CA ASN A 247 3.05 -30.51 3.74
C ASN A 247 2.93 -30.11 2.28
N VAL A 248 2.52 -31.03 1.41
CA VAL A 248 2.28 -30.65 0.02
C VAL A 248 1.21 -29.58 -0.07
N ALA A 249 0.15 -29.69 0.75
CA ALA A 249 -0.90 -28.67 0.72
C ALA A 249 -0.37 -27.33 1.20
N LYS A 250 0.35 -27.32 2.33
CA LYS A 250 0.99 -26.11 2.82
C LYS A 250 1.79 -25.44 1.72
N PHE A 251 2.62 -26.24 1.02
CA PHE A 251 3.43 -25.73 -0.08
C PHE A 251 2.58 -25.06 -1.16
N PHE A 252 1.57 -25.78 -1.68
CA PHE A 252 0.71 -25.21 -2.71
C PHE A 252 -0.11 -24.03 -2.19
N ASN A 253 -0.49 -24.04 -0.91
CA ASN A 253 -1.23 -22.90 -0.34
C ASN A 253 -0.40 -21.63 -0.45
N ILE A 254 0.88 -21.71 -0.11
CA ILE A 254 1.73 -20.53 -0.16
C ILE A 254 1.96 -20.10 -1.61
N LEU A 255 2.40 -21.03 -2.47
CA LEU A 255 2.74 -20.62 -3.82
C LEU A 255 1.52 -20.17 -4.60
N LYS A 256 0.34 -20.77 -4.37
CA LYS A 256 -0.85 -20.29 -5.07
C LYS A 256 -1.26 -18.90 -4.57
N SER A 257 -0.96 -18.59 -3.31
CA SER A 257 -1.23 -17.25 -2.80
C SER A 257 -0.44 -16.18 -3.56
N VAL A 258 0.77 -16.49 -4.02
CA VAL A 258 1.62 -15.51 -4.69
C VAL A 258 1.70 -15.77 -6.19
N ALA A 259 0.76 -16.55 -6.73
CA ALA A 259 0.74 -16.79 -8.16
C ALA A 259 0.48 -15.50 -8.91
N MET A 260 0.99 -15.46 -10.14
CA MET A 260 0.75 -14.35 -11.06
C MET A 260 -0.46 -14.76 -11.89
N ILE A 261 -1.57 -14.06 -11.70
CA ILE A 261 -2.87 -14.52 -12.19
C ILE A 261 -3.10 -14.05 -13.63
N LYS A 262 -3.57 -14.96 -14.47
CA LYS A 262 -3.74 -14.66 -15.89
C LYS A 262 -4.66 -13.46 -16.11
N GLY A 263 -4.20 -12.53 -16.93
CA GLY A 263 -4.93 -11.32 -17.25
C GLY A 263 -4.53 -10.12 -16.41
N SER A 264 -3.86 -10.35 -15.28
CA SER A 264 -3.54 -9.29 -14.35
C SER A 264 -2.19 -8.64 -14.65
N VAL A 265 -1.39 -9.23 -15.54
CA VAL A 265 -0.08 -8.71 -15.92
C VAL A 265 0.03 -8.81 -17.45
N VAL A 266 0.17 -7.68 -18.11
CA VAL A 266 0.41 -7.65 -19.55
C VAL A 266 1.73 -6.94 -19.76
N ASN A 267 2.69 -7.63 -20.38
CA ASN A 267 4.01 -7.05 -20.53
C ASN A 267 4.03 -6.00 -21.65
N VAL A 268 5.17 -5.33 -21.82
CA VAL A 268 5.26 -4.29 -22.84
C VAL A 268 5.14 -4.84 -24.25
N GLN A 269 5.36 -6.13 -24.43
CA GLN A 269 5.12 -6.76 -25.73
C GLN A 269 3.66 -7.11 -25.95
N GLY A 270 2.79 -6.81 -25.01
CA GLY A 270 1.38 -7.10 -25.14
C GLY A 270 0.94 -8.49 -24.75
N LYS A 271 1.83 -9.29 -24.15
CA LYS A 271 1.52 -10.67 -23.81
C LYS A 271 1.19 -10.80 -22.32
N ASP A 272 0.31 -11.76 -22.01
CA ASP A 272 0.02 -12.08 -20.61
C ASP A 272 1.20 -12.78 -19.99
N GLU A 273 1.62 -12.32 -18.82
CA GLU A 273 2.56 -13.04 -17.97
C GLU A 273 1.80 -13.65 -16.80
N TYR A 274 1.94 -14.97 -16.61
CA TYR A 274 1.19 -15.60 -15.54
C TYR A 274 1.84 -16.91 -15.13
N THR A 275 1.42 -17.40 -13.97
CA THR A 275 1.88 -18.68 -13.42
C THR A 275 1.29 -19.82 -14.26
N VAL A 276 2.13 -20.38 -15.13
CA VAL A 276 1.67 -21.47 -15.98
C VAL A 276 1.62 -22.79 -15.23
N TYR A 277 2.49 -22.98 -14.25
CA TYR A 277 2.45 -24.16 -13.39
C TYR A 277 2.99 -23.83 -12.00
N THR A 278 2.56 -24.64 -11.03
CA THR A 278 3.16 -24.70 -9.71
C THR A 278 3.59 -26.14 -9.49
N ALA A 279 4.82 -26.35 -9.01
CA ALA A 279 5.35 -27.70 -8.81
C ALA A 279 6.07 -27.81 -7.48
N CYS A 280 6.02 -29.00 -6.89
CA CYS A 280 6.63 -29.28 -5.60
C CYS A 280 7.30 -30.64 -5.66
N TYR A 281 8.59 -30.70 -5.33
CA TYR A 281 9.27 -31.97 -5.12
C TYR A 281 9.28 -32.30 -3.63
N SER A 282 8.82 -33.51 -3.31
CA SER A 282 8.90 -34.04 -1.94
C SER A 282 10.07 -35.03 -1.87
N SER A 283 11.12 -34.64 -1.14
CA SER A 283 12.28 -35.51 -1.02
C SER A 283 11.91 -36.85 -0.39
N GLY A 284 11.03 -36.82 0.61
CA GLY A 284 10.71 -38.04 1.36
C GLY A 284 9.97 -39.08 0.53
N SER A 285 9.18 -38.65 -0.45
CA SER A 285 8.45 -39.56 -1.33
C SER A 285 9.03 -39.62 -2.74
N LYS A 286 10.10 -38.89 -3.03
CA LYS A 286 10.68 -38.79 -4.38
C LYS A 286 9.62 -38.50 -5.45
N THR A 287 8.62 -37.70 -5.09
CA THR A 287 7.50 -37.39 -5.96
C THR A 287 7.50 -35.91 -6.34
N TYR A 288 7.30 -35.65 -7.62
CA TYR A 288 7.12 -34.31 -8.15
C TYR A 288 5.63 -34.10 -8.41
N TYR A 289 5.06 -33.14 -7.69
CA TYR A 289 3.65 -32.77 -7.80
C TYR A 289 3.55 -31.52 -8.66
N CYS A 290 2.52 -31.44 -9.53
CA CYS A 290 2.35 -30.19 -10.26
C CYS A 290 0.89 -30.01 -10.66
N ASN A 291 0.50 -28.76 -10.82
CA ASN A 291 -0.70 -28.43 -11.57
C ASN A 291 -0.42 -27.23 -12.47
N PHE A 292 -1.40 -26.90 -13.30
CA PHE A 292 -1.24 -25.94 -14.38
C PHE A 292 -2.37 -24.93 -14.38
N GLU A 293 -2.11 -23.79 -15.04
CA GLU A 293 -3.09 -22.71 -15.03
C GLU A 293 -4.45 -23.15 -15.57
N ASP A 294 -4.47 -24.09 -16.53
CA ASP A 294 -5.70 -24.56 -17.14
C ASP A 294 -6.06 -25.99 -16.78
N ASP A 295 -5.39 -26.57 -15.78
CA ASP A 295 -5.76 -27.89 -15.27
C ASP A 295 -5.27 -27.96 -13.83
N PHE A 296 -6.20 -27.79 -12.89
CA PHE A 296 -5.85 -27.66 -11.48
C PHE A 296 -5.59 -28.99 -10.79
N GLU A 297 -5.86 -30.11 -11.46
CA GLU A 297 -5.65 -31.41 -10.85
C GLU A 297 -4.19 -31.56 -10.44
N LEU A 298 -3.97 -32.02 -9.22
CA LEU A 298 -2.61 -32.23 -8.72
C LEU A 298 -2.09 -33.55 -9.27
N LYS A 299 -1.17 -33.49 -10.22
CA LYS A 299 -0.63 -34.69 -10.85
C LYS A 299 0.69 -35.04 -10.19
N THR A 300 1.00 -36.34 -10.17
CA THR A 300 2.19 -36.84 -9.49
C THR A 300 3.03 -37.69 -10.43
N TYR A 301 4.35 -37.53 -10.31
CA TYR A 301 5.34 -38.27 -11.09
C TYR A 301 6.45 -38.65 -10.12
N LYS A 302 6.96 -39.87 -10.23
CA LYS A 302 7.79 -40.41 -9.16
C LYS A 302 9.09 -40.99 -9.69
N LEU A 303 10.17 -40.77 -8.93
CA LEU A 303 11.42 -41.48 -9.11
C LEU A 303 11.31 -42.81 -8.37
N ASP A 304 11.30 -43.92 -9.10
CA ASP A 304 11.19 -45.23 -8.49
C ASP A 304 12.11 -46.19 -9.24
N ASP A 305 12.04 -47.47 -8.88
CA ASP A 305 12.96 -48.43 -9.48
C ASP A 305 12.79 -48.52 -10.99
N LYS A 306 11.58 -48.30 -11.50
CA LYS A 306 11.36 -48.42 -12.94
C LYS A 306 11.79 -47.17 -13.68
N THR A 307 11.51 -45.99 -13.14
CA THR A 307 11.87 -44.75 -13.86
C THR A 307 13.34 -44.37 -13.68
N MET A 308 13.95 -44.66 -12.53
CA MET A 308 15.34 -44.26 -12.33
C MET A 308 16.31 -45.07 -13.15
N ASN A 309 15.92 -46.26 -13.58
CA ASN A 309 16.83 -47.18 -14.27
C ASN A 309 16.52 -47.31 -15.75
N SER A 310 15.71 -46.41 -16.31
CA SER A 310 15.36 -46.46 -17.71
C SER A 310 16.60 -46.28 -18.60
N THR A 311 16.59 -46.96 -19.74
CA THR A 311 17.61 -46.74 -20.76
C THR A 311 17.34 -45.51 -21.61
N SER A 312 16.17 -44.89 -21.48
CA SER A 312 15.86 -43.71 -22.28
C SER A 312 15.26 -42.64 -21.38
N LEU A 313 15.35 -41.40 -21.87
CA LEU A 313 14.72 -40.27 -21.22
C LEU A 313 13.22 -40.49 -21.14
N ILE A 314 12.63 -40.19 -19.99
CA ILE A 314 11.19 -40.35 -19.79
C ILE A 314 10.56 -38.96 -19.81
N THR A 315 9.64 -38.75 -20.75
CA THR A 315 8.93 -37.48 -20.83
C THR A 315 7.44 -37.72 -20.68
N TYR A 316 6.78 -36.76 -20.04
CA TYR A 316 5.35 -36.77 -19.90
C TYR A 316 4.75 -35.68 -20.81
N HIS A 317 3.44 -35.55 -20.77
CA HIS A 317 2.75 -34.70 -21.75
C HIS A 317 3.24 -33.25 -21.68
N HIS A 318 3.34 -32.63 -22.85
CA HIS A 318 3.75 -31.25 -22.95
C HIS A 318 2.57 -30.32 -22.76
N HIS A 319 2.79 -29.25 -22.00
CA HIS A 319 1.76 -28.28 -21.70
C HIS A 319 2.03 -27.03 -22.52
N HIS A 320 1.11 -26.69 -23.41
CA HIS A 320 1.24 -25.51 -24.25
C HIS A 320 0.33 -24.40 -23.75
N HIS A 321 0.70 -23.17 -24.09
CA HIS A 321 0.04 -21.98 -23.57
C HIS A 321 0.52 -20.80 -24.41
N HIS A 322 -0.14 -19.66 -24.21
CA HIS A 322 0.20 -18.44 -24.94
C HIS A 322 0.03 -18.61 -26.45
N CYS B 2 -13.93 -15.07 4.20
CA CYS B 2 -14.51 -15.85 3.11
C CYS B 2 -14.45 -15.03 1.85
N THR B 3 -14.34 -15.71 0.71
CA THR B 3 -14.42 -15.07 -0.60
C THR B 3 -15.33 -15.92 -1.46
N GLY B 4 -16.38 -15.32 -2.00
CA GLY B 4 -17.24 -15.99 -2.96
C GLY B 4 -16.95 -15.50 -4.36
N LEU B 5 -17.11 -16.40 -5.33
CA LEU B 5 -16.77 -16.10 -6.72
C LEU B 5 -17.76 -16.81 -7.64
N ARG B 6 -18.22 -16.10 -8.67
CA ARG B 6 -18.97 -16.74 -9.74
C ARG B 6 -18.58 -16.16 -11.10
N PHE B 7 -18.58 -17.01 -12.12
CA PHE B 7 -18.45 -16.58 -13.51
C PHE B 7 -19.00 -17.68 -14.39
N THR B 8 -19.22 -17.34 -15.65
CA THR B 8 -19.67 -18.32 -16.64
C THR B 8 -18.68 -18.41 -17.79
N ASP B 9 -18.73 -19.53 -18.50
CA ASP B 9 -18.01 -19.63 -19.75
C ASP B 9 -18.89 -19.05 -20.85
N GLU B 10 -18.45 -19.15 -22.11
CA GLU B 10 -19.21 -18.59 -23.21
C GLU B 10 -20.41 -19.44 -23.60
N GLN B 11 -20.57 -20.63 -23.02
CA GLN B 11 -21.71 -21.50 -23.28
C GLN B 11 -22.75 -21.48 -22.16
N GLY B 12 -22.64 -20.55 -21.21
CA GLY B 12 -23.61 -20.49 -20.14
C GLY B 12 -23.39 -21.45 -18.99
N ASN B 13 -22.21 -22.05 -18.88
CA ASN B 13 -21.89 -22.93 -17.76
C ASN B 13 -21.38 -22.09 -16.60
N LEU B 14 -21.95 -22.33 -15.41
CA LEU B 14 -21.65 -21.55 -14.23
C LEU B 14 -20.59 -22.25 -13.38
N TYR B 15 -19.64 -21.45 -12.88
CA TYR B 15 -18.65 -21.89 -11.91
C TYR B 15 -18.79 -20.97 -10.71
N PHE B 16 -19.18 -21.54 -9.56
CA PHE B 16 -19.64 -20.75 -8.43
C PHE B 16 -19.24 -21.46 -7.15
N GLY B 17 -18.66 -20.71 -6.22
CA GLY B 17 -18.22 -21.30 -4.97
C GLY B 17 -17.51 -20.29 -4.11
N ARG B 18 -16.65 -20.79 -3.21
CA ARG B 18 -16.13 -19.90 -2.17
C ARG B 18 -14.95 -20.52 -1.44
N ASN B 19 -14.15 -19.66 -0.82
CA ASN B 19 -13.26 -20.02 0.27
C ASN B 19 -14.03 -19.88 1.58
N LEU B 20 -13.91 -20.86 2.47
CA LEU B 20 -14.41 -20.73 3.85
C LEU B 20 -13.22 -20.39 4.75
N ASP B 21 -13.26 -19.19 5.33
CA ASP B 21 -12.18 -18.68 6.17
C ASP B 21 -12.71 -18.61 7.59
N VAL B 22 -12.19 -19.44 8.49
CA VAL B 22 -12.75 -19.56 9.84
C VAL B 22 -11.64 -19.74 10.87
N GLY B 23 -12.02 -19.56 12.13
CA GLY B 23 -11.10 -19.65 13.25
C GLY B 23 -11.52 -20.68 14.28
N GLN B 24 -12.34 -21.66 13.87
CA GLN B 24 -12.77 -22.70 14.79
C GLN B 24 -13.18 -23.92 13.98
N ASP B 25 -13.28 -25.06 14.67
CA ASP B 25 -13.59 -26.32 14.02
C ASP B 25 -15.08 -26.38 13.69
N TYR B 26 -15.38 -27.03 12.56
CA TYR B 26 -16.75 -27.37 12.20
C TYR B 26 -16.94 -28.83 11.82
N GLY B 27 -15.87 -29.59 11.63
CA GLY B 27 -16.02 -30.94 11.11
C GLY B 27 -16.78 -30.98 9.80
N GLU B 28 -16.55 -30.00 8.93
CA GLU B 28 -17.39 -29.83 7.75
C GLU B 28 -17.08 -30.91 6.72
N GLY B 29 -18.07 -31.20 5.89
CA GLY B 29 -17.87 -32.14 4.79
C GLY B 29 -18.93 -31.95 3.73
N VAL B 30 -18.73 -32.66 2.61
CA VAL B 30 -19.70 -32.57 1.52
C VAL B 30 -20.97 -33.33 1.92
N ILE B 31 -22.13 -32.73 1.65
CA ILE B 31 -23.42 -33.33 1.93
C ILE B 31 -24.27 -33.25 0.68
N ILE B 32 -24.85 -34.37 0.26
CA ILE B 32 -25.87 -34.37 -0.77
C ILE B 32 -27.23 -34.56 -0.08
N THR B 33 -28.09 -33.57 -0.24
CA THR B 33 -29.46 -33.65 0.26
C THR B 33 -30.33 -34.10 -0.89
N PRO B 34 -30.97 -35.27 -0.80
CA PRO B 34 -31.74 -35.79 -1.93
C PRO B 34 -33.13 -35.18 -1.99
N ARG B 35 -33.83 -35.50 -3.07
CA ARG B 35 -35.25 -35.21 -3.19
C ARG B 35 -36.03 -36.01 -2.14
N HIS B 36 -37.20 -35.46 -1.76
CA HIS B 36 -38.12 -36.14 -0.85
C HIS B 36 -37.54 -36.36 0.55
N TYR B 37 -36.68 -35.44 0.98
CA TYR B 37 -36.08 -35.51 2.30
C TYR B 37 -36.81 -34.56 3.25
N PRO B 38 -36.98 -34.90 4.54
CA PRO B 38 -37.74 -34.03 5.45
C PRO B 38 -37.12 -32.64 5.55
N LEU B 39 -37.97 -31.62 5.46
CA LEU B 39 -37.52 -30.23 5.51
C LEU B 39 -38.41 -29.44 6.46
N PRO B 40 -38.05 -29.34 7.73
CA PRO B 40 -38.84 -28.55 8.68
C PRO B 40 -38.49 -27.06 8.57
N TYR B 41 -39.45 -26.24 8.97
CA TYR B 41 -39.31 -24.79 9.01
C TYR B 41 -39.83 -24.27 10.35
N LYS B 42 -39.11 -23.29 10.93
CA LYS B 42 -39.52 -22.76 12.22
C LYS B 42 -40.83 -21.99 12.13
N PHE B 43 -41.05 -21.26 11.04
CA PHE B 43 -42.16 -20.33 10.91
C PHE B 43 -43.03 -20.60 9.70
N LEU B 44 -42.85 -21.76 9.05
CA LEU B 44 -43.66 -22.17 7.92
C LEU B 44 -44.06 -23.63 8.12
N ASP B 45 -45.00 -24.09 7.30
CA ASP B 45 -45.37 -25.50 7.31
C ASP B 45 -44.15 -26.34 6.95
N ASN B 46 -43.90 -27.38 7.74
CA ASN B 46 -42.86 -28.34 7.40
C ASN B 46 -43.21 -29.04 6.10
N THR B 47 -42.19 -29.46 5.36
CA THR B 47 -42.39 -29.98 4.03
C THR B 47 -41.30 -31.01 3.74
N THR B 48 -41.11 -31.32 2.46
CA THR B 48 -40.03 -32.18 2.01
C THR B 48 -39.26 -31.44 0.92
N THR B 49 -38.02 -31.87 0.69
CA THR B 49 -37.26 -31.28 -0.41
C THR B 49 -37.86 -31.71 -1.75
N LYS B 50 -37.87 -30.79 -2.69
CA LYS B 50 -38.30 -31.06 -4.05
C LYS B 50 -37.13 -31.15 -5.03
N LYS B 51 -35.95 -30.68 -4.65
CA LYS B 51 -34.78 -30.69 -5.51
C LYS B 51 -33.59 -31.23 -4.73
N ALA B 52 -32.72 -31.95 -5.41
CA ALA B 52 -31.49 -32.38 -4.76
C ALA B 52 -30.51 -31.21 -4.69
N VAL B 53 -29.70 -31.21 -3.63
CA VAL B 53 -28.73 -30.15 -3.38
C VAL B 53 -27.39 -30.77 -2.98
N ILE B 54 -26.29 -30.13 -3.39
CA ILE B 54 -24.96 -30.54 -2.97
C ILE B 54 -24.25 -29.32 -2.41
N GLY B 55 -23.33 -29.54 -1.48
CA GLY B 55 -22.57 -28.44 -0.92
C GLY B 55 -21.77 -28.93 0.27
N MET B 56 -21.22 -27.96 1.02
CA MET B 56 -20.44 -28.22 2.22
C MET B 56 -21.23 -27.79 3.43
N GLY B 57 -21.24 -28.61 4.48
CA GLY B 57 -21.97 -28.23 5.68
C GLY B 57 -21.79 -29.19 6.82
N ILE B 58 -22.72 -29.08 7.77
CA ILE B 58 -22.78 -29.97 8.92
C ILE B 58 -24.22 -30.45 9.03
N VAL B 59 -24.40 -31.57 9.73
CA VAL B 59 -25.71 -32.17 9.94
C VAL B 59 -26.08 -32.03 11.40
N VAL B 60 -27.26 -31.47 11.67
CA VAL B 60 -27.75 -31.23 13.02
C VAL B 60 -29.10 -31.92 13.14
N ASP B 61 -29.15 -33.01 13.88
CA ASP B 61 -30.38 -33.79 14.07
C ASP B 61 -31.07 -34.07 12.73
N GLY B 62 -30.28 -34.49 11.74
CA GLY B 62 -30.80 -34.81 10.43
C GLY B 62 -31.06 -33.62 9.53
N TYR B 63 -30.81 -32.40 9.97
CA TYR B 63 -30.97 -31.22 9.13
C TYR B 63 -29.62 -30.85 8.53
N PRO B 64 -29.48 -30.78 7.20
CA PRO B 64 -28.20 -30.38 6.60
C PRO B 64 -28.10 -28.87 6.59
N SER B 65 -27.16 -28.34 7.38
CA SER B 65 -26.92 -26.90 7.47
C SER B 65 -25.69 -26.57 6.63
N TYR B 66 -25.91 -25.87 5.52
CA TYR B 66 -24.89 -25.68 4.51
C TYR B 66 -24.16 -24.35 4.68
N PHE B 67 -22.83 -24.39 4.51
CA PHE B 67 -22.06 -23.16 4.31
C PHE B 67 -22.31 -22.59 2.92
N ASP B 68 -22.46 -23.48 1.93
CA ASP B 68 -22.79 -23.12 0.56
C ASP B 68 -23.38 -24.35 -0.08
N CYS B 69 -24.33 -24.14 -1.00
CA CYS B 69 -25.04 -25.28 -1.59
C CYS B 69 -25.69 -24.86 -2.90
N TYR B 70 -25.98 -25.85 -3.74
CA TYR B 70 -26.31 -25.64 -5.14
C TYR B 70 -27.31 -26.72 -5.52
N ASN B 71 -28.40 -26.33 -6.17
CA ASN B 71 -29.40 -27.34 -6.53
C ASN B 71 -29.12 -27.96 -7.90
N GLU B 72 -29.85 -29.05 -8.19
CA GLU B 72 -29.71 -29.78 -9.43
C GLU B 72 -30.10 -28.96 -10.65
N ASP B 73 -30.80 -27.84 -10.46
CA ASP B 73 -31.21 -27.00 -11.57
C ASP B 73 -30.26 -25.84 -11.83
N GLY B 74 -29.17 -25.73 -11.09
CA GLY B 74 -28.14 -24.76 -11.38
C GLY B 74 -28.18 -23.48 -10.57
N LEU B 75 -28.98 -23.42 -9.53
CA LEU B 75 -29.08 -22.25 -8.66
C LEU B 75 -28.40 -22.56 -7.35
N GLY B 76 -27.50 -21.66 -6.90
CA GLY B 76 -26.77 -21.88 -5.67
C GLY B 76 -26.74 -20.64 -4.78
N ILE B 77 -26.26 -20.85 -3.56
CA ILE B 77 -26.17 -19.80 -2.55
C ILE B 77 -24.99 -20.11 -1.64
N ALA B 78 -24.25 -19.07 -1.25
CA ALA B 78 -23.18 -19.22 -0.28
C ALA B 78 -23.38 -18.20 0.82
N GLY B 79 -23.28 -18.65 2.09
CA GLY B 79 -23.37 -17.78 3.22
C GLY B 79 -21.98 -17.46 3.73
N LEU B 80 -21.67 -16.17 3.80
CA LEU B 80 -20.34 -15.70 4.15
C LEU B 80 -20.44 -14.81 5.38
N ASN B 81 -19.41 -14.80 6.22
CA ASN B 81 -19.53 -14.08 7.48
C ASN B 81 -19.68 -12.58 7.24
N PHE B 82 -20.54 -11.96 8.05
CA PHE B 82 -20.90 -10.55 7.91
C PHE B 82 -20.98 -9.93 9.30
N PRO B 83 -19.89 -10.02 10.08
CA PRO B 83 -19.94 -9.59 11.47
C PRO B 83 -20.00 -8.07 11.57
N HIS B 84 -20.45 -7.59 12.74
CA HIS B 84 -20.63 -6.17 12.99
C HIS B 84 -21.57 -5.51 11.99
N PHE B 85 -22.43 -6.30 11.34
CA PHE B 85 -23.33 -5.77 10.34
C PHE B 85 -24.63 -6.55 10.26
N ALA B 86 -24.53 -7.87 10.14
CA ALA B 86 -25.71 -8.71 10.01
C ALA B 86 -26.62 -8.52 11.21
N LYS B 87 -27.91 -8.32 10.94
CA LYS B 87 -28.88 -8.13 12.00
C LYS B 87 -30.21 -8.67 11.51
N PHE B 88 -30.73 -9.69 12.17
CA PHE B 88 -32.00 -10.30 11.82
C PHE B 88 -33.03 -9.95 12.88
N SER B 89 -34.30 -10.09 12.53
CA SER B 89 -35.36 -9.61 13.41
C SER B 89 -35.46 -10.46 14.67
N ASP B 90 -35.87 -9.82 15.77
CA ASP B 90 -35.96 -10.53 17.05
C ASP B 90 -37.00 -11.65 17.01
N GLY B 91 -38.02 -11.52 16.17
CA GLY B 91 -38.99 -12.56 15.98
C GLY B 91 -39.66 -12.49 14.62
N PRO B 92 -40.58 -13.41 14.35
CA PRO B 92 -41.27 -13.39 13.07
C PRO B 92 -42.23 -12.21 12.98
N ILE B 93 -42.52 -11.80 11.76
CA ILE B 93 -43.34 -10.64 11.48
C ILE B 93 -44.57 -11.10 10.71
N ASP B 94 -45.75 -10.78 11.23
CA ASP B 94 -46.99 -11.22 10.59
C ASP B 94 -47.06 -10.72 9.16
N GLY B 95 -47.49 -11.60 8.25
CA GLY B 95 -47.63 -11.26 6.86
C GLY B 95 -46.41 -11.51 6.01
N LYS B 96 -45.26 -11.78 6.62
CA LYS B 96 -44.03 -12.06 5.89
C LYS B 96 -43.83 -13.56 5.76
N ILE B 97 -43.03 -13.96 4.77
CA ILE B 97 -42.44 -15.28 4.77
C ILE B 97 -41.28 -15.22 5.76
N ASN B 98 -41.45 -15.80 6.94
CA ASN B 98 -40.44 -15.72 7.97
C ASN B 98 -39.52 -16.93 7.92
N LEU B 99 -38.22 -16.66 7.82
CA LEU B 99 -37.21 -17.70 7.82
C LEU B 99 -36.21 -17.39 8.91
N ALA B 100 -35.91 -18.36 9.77
CA ALA B 100 -34.70 -18.26 10.54
C ALA B 100 -33.55 -18.14 9.56
N SER B 101 -32.55 -17.31 9.89
CA SER B 101 -31.51 -16.99 8.91
C SER B 101 -30.86 -18.23 8.31
N TYR B 102 -30.66 -19.28 9.11
CA TYR B 102 -30.05 -20.50 8.59
C TYR B 102 -30.90 -21.20 7.54
N GLU B 103 -32.21 -20.96 7.53
CA GLU B 103 -33.12 -21.63 6.63
C GLU B 103 -33.07 -21.08 5.22
N ILE B 104 -32.40 -19.95 5.00
CA ILE B 104 -32.38 -19.37 3.65
C ILE B 104 -31.66 -20.29 2.66
N MET B 105 -30.66 -21.04 3.13
CA MET B 105 -29.87 -21.89 2.22
C MET B 105 -30.78 -22.88 1.49
N LEU B 106 -31.60 -23.61 2.23
CA LEU B 106 -32.48 -24.59 1.59
C LEU B 106 -33.77 -23.95 1.06
N TRP B 107 -34.22 -22.84 1.66
CA TRP B 107 -35.39 -22.16 1.08
C TRP B 107 -35.09 -21.71 -0.36
N VAL B 108 -33.92 -21.09 -0.57
CA VAL B 108 -33.57 -20.65 -1.92
C VAL B 108 -33.41 -21.84 -2.86
N THR B 109 -32.64 -22.86 -2.45
CA THR B 109 -32.33 -23.94 -3.37
C THR B 109 -33.47 -24.93 -3.58
N GLN B 110 -34.46 -24.96 -2.69
CA GLN B 110 -35.59 -25.88 -2.87
C GLN B 110 -36.70 -25.28 -3.71
N ASN B 111 -36.89 -23.97 -3.67
CA ASN B 111 -38.09 -23.35 -4.24
C ASN B 111 -37.88 -22.68 -5.58
N PHE B 112 -36.65 -22.49 -6.03
CA PHE B 112 -36.42 -21.68 -7.23
C PHE B 112 -35.38 -22.33 -8.13
N THR B 113 -35.42 -21.96 -9.40
CA THR B 113 -34.33 -22.26 -10.34
C THR B 113 -33.66 -21.02 -10.92
N HIS B 114 -34.28 -19.85 -10.84
CA HIS B 114 -33.70 -18.63 -11.38
C HIS B 114 -33.62 -17.54 -10.32
N VAL B 115 -32.52 -16.79 -10.34
CA VAL B 115 -32.35 -15.64 -9.46
C VAL B 115 -33.50 -14.65 -9.61
N SER B 116 -34.03 -14.50 -10.83
CA SER B 116 -35.16 -13.60 -11.03
C SER B 116 -36.33 -13.95 -10.12
N GLU B 117 -36.58 -15.24 -9.92
CA GLU B 117 -37.64 -15.67 -9.01
C GLU B 117 -37.27 -15.35 -7.56
N VAL B 118 -36.01 -15.59 -7.19
CA VAL B 118 -35.58 -15.31 -5.81
C VAL B 118 -35.76 -13.83 -5.49
N LYS B 119 -35.36 -12.94 -6.41
CA LYS B 119 -35.47 -11.50 -6.17
C LYS B 119 -36.91 -11.10 -5.86
N GLU B 120 -37.85 -11.62 -6.64
CA GLU B 120 -39.26 -11.27 -6.44
C GLU B 120 -39.77 -11.83 -5.11
N ALA B 121 -39.43 -13.08 -4.80
CA ALA B 121 -39.91 -13.69 -3.57
C ALA B 121 -39.34 -13.01 -2.35
N LEU B 122 -38.08 -12.58 -2.41
CA LEU B 122 -37.44 -11.95 -1.27
C LEU B 122 -38.12 -10.65 -0.86
N LYS B 123 -38.90 -10.05 -1.76
CA LYS B 123 -39.63 -8.83 -1.42
C LYS B 123 -40.51 -9.00 -0.18
N ASN B 124 -40.96 -10.23 0.11
CA ASN B 124 -41.81 -10.48 1.27
C ASN B 124 -41.16 -11.41 2.29
N VAL B 125 -39.85 -11.57 2.26
CA VAL B 125 -39.16 -12.44 3.19
C VAL B 125 -38.67 -11.63 4.38
N ASN B 126 -38.77 -12.19 5.58
CA ASN B 126 -38.18 -11.63 6.78
C ASN B 126 -37.27 -12.67 7.42
N LEU B 127 -36.00 -12.31 7.62
CA LEU B 127 -35.05 -13.20 8.27
C LEU B 127 -35.08 -12.97 9.78
N VAL B 128 -35.15 -14.07 10.54
CA VAL B 128 -35.33 -14.03 11.98
C VAL B 128 -34.07 -14.50 12.67
N ASN B 129 -33.73 -13.83 13.79
CA ASN B 129 -32.57 -14.15 14.61
C ASN B 129 -32.91 -15.36 15.50
N GLU B 130 -32.95 -16.53 14.86
CA GLU B 130 -33.35 -17.75 15.54
C GLU B 130 -32.43 -18.87 15.07
N ALA B 131 -31.77 -19.54 16.02
CA ALA B 131 -30.82 -20.59 15.69
C ALA B 131 -31.53 -21.92 15.47
N ILE B 132 -30.79 -22.89 14.91
CA ILE B 132 -31.39 -24.19 14.62
C ILE B 132 -31.89 -24.85 15.89
N ASN B 133 -31.14 -24.73 16.98
CA ASN B 133 -31.64 -25.05 18.31
C ASN B 133 -30.87 -24.21 19.34
N SER B 134 -31.27 -24.35 20.61
CA SER B 134 -30.69 -23.52 21.67
C SER B 134 -29.22 -23.79 21.90
N SER B 135 -28.67 -24.87 21.36
CA SER B 135 -27.26 -25.19 21.52
C SER B 135 -26.37 -24.51 20.48
N PHE B 136 -26.95 -23.71 19.58
CA PHE B 136 -26.18 -23.07 18.52
C PHE B 136 -26.39 -21.56 18.57
N ALA B 137 -25.36 -20.82 18.16
CA ALA B 137 -25.48 -19.39 17.96
C ALA B 137 -25.95 -19.10 16.54
N VAL B 138 -26.53 -17.92 16.36
CA VAL B 138 -26.94 -17.47 15.03
C VAL B 138 -25.73 -16.84 14.35
N ALA B 139 -25.34 -17.40 13.22
CA ALA B 139 -24.17 -16.89 12.50
C ALA B 139 -24.53 -15.56 11.83
N PRO B 140 -23.70 -14.52 11.98
CA PRO B 140 -23.96 -13.27 11.25
C PRO B 140 -23.50 -13.41 9.82
N LEU B 141 -24.44 -13.62 8.90
CA LEU B 141 -24.09 -13.95 7.53
C LEU B 141 -24.71 -12.95 6.57
N HIS B 142 -24.10 -12.85 5.40
CA HIS B 142 -24.72 -12.34 4.19
C HIS B 142 -24.51 -13.37 3.10
N TRP B 143 -25.20 -13.21 1.97
CA TRP B 143 -25.27 -14.27 0.98
C TRP B 143 -25.01 -13.76 -0.42
N ILE B 144 -24.38 -14.59 -1.24
CA ILE B 144 -24.36 -14.42 -2.68
C ILE B 144 -25.17 -15.57 -3.27
N ILE B 145 -26.05 -15.24 -4.22
CA ILE B 145 -26.94 -16.20 -4.85
C ILE B 145 -26.73 -16.07 -6.35
N SER B 146 -26.57 -17.19 -7.04
CA SER B 146 -26.25 -17.11 -8.46
C SER B 146 -26.87 -18.27 -9.24
N ASP B 147 -27.32 -17.96 -10.45
CA ASP B 147 -27.56 -18.96 -11.47
C ASP B 147 -26.62 -18.66 -12.63
N SER B 148 -26.86 -19.23 -13.82
CA SER B 148 -25.98 -18.96 -14.96
C SER B 148 -26.22 -17.60 -15.60
N ASP B 149 -27.30 -16.91 -15.26
CA ASP B 149 -27.60 -15.62 -15.88
C ASP B 149 -27.17 -14.43 -15.06
N GLU B 150 -27.19 -14.52 -13.73
CA GLU B 150 -26.93 -13.34 -12.91
C GLU B 150 -26.69 -13.80 -11.48
N ALA B 151 -26.17 -12.89 -10.67
CA ALA B 151 -25.95 -13.10 -9.25
C ALA B 151 -26.51 -11.92 -8.49
N ILE B 152 -26.98 -12.19 -7.27
CA ILE B 152 -27.37 -11.12 -6.34
C ILE B 152 -26.66 -11.30 -5.02
N ILE B 153 -26.52 -10.19 -4.31
CA ILE B 153 -26.08 -10.17 -2.91
C ILE B 153 -27.29 -9.83 -2.05
N VAL B 154 -27.44 -10.56 -0.95
CA VAL B 154 -28.50 -10.32 0.02
C VAL B 154 -27.84 -9.96 1.34
N GLU B 155 -28.16 -8.78 1.86
CA GLU B 155 -27.67 -8.34 3.15
C GLU B 155 -28.84 -7.79 3.95
N VAL B 156 -28.88 -8.16 5.22
CA VAL B 156 -29.83 -7.58 6.18
C VAL B 156 -29.02 -7.02 7.34
N SER B 157 -29.15 -5.71 7.58
CA SER B 157 -28.35 -5.06 8.61
C SER B 157 -29.23 -4.11 9.41
N LYS B 158 -28.72 -3.72 10.57
CA LYS B 158 -29.35 -2.64 11.32
C LYS B 158 -29.27 -1.33 10.55
N GLN B 159 -28.15 -1.10 9.85
CA GLN B 159 -27.95 0.16 9.13
C GLN B 159 -28.94 0.33 7.99
N TYR B 160 -29.15 -0.73 7.20
CA TYR B 160 -29.85 -0.62 5.93
C TYR B 160 -31.08 -1.52 5.80
N GLY B 161 -31.39 -2.32 6.80
CA GLY B 161 -32.46 -3.29 6.62
C GLY B 161 -32.05 -4.31 5.57
N MET B 162 -33.06 -4.86 4.89
CA MET B 162 -32.78 -5.86 3.85
C MET B 162 -32.48 -5.17 2.53
N LYS B 163 -31.33 -5.52 1.95
CA LYS B 163 -30.92 -5.01 0.65
C LYS B 163 -30.60 -6.18 -0.27
N VAL B 164 -30.96 -6.03 -1.54
CA VAL B 164 -30.64 -7.01 -2.58
C VAL B 164 -29.95 -6.25 -3.71
N PHE B 165 -28.71 -6.64 -4.04
CA PHE B 165 -27.93 -5.97 -5.05
C PHE B 165 -27.65 -6.90 -6.22
N GLU B 166 -27.59 -6.32 -7.41
CA GLU B 166 -26.97 -6.98 -8.56
C GLU B 166 -25.46 -7.06 -8.33
N ASP B 167 -24.86 -8.21 -8.61
CA ASP B 167 -23.42 -8.42 -8.38
C ASP B 167 -22.73 -8.74 -9.70
N LYS B 168 -22.60 -7.71 -10.56
CA LYS B 168 -21.90 -7.88 -11.83
C LYS B 168 -20.43 -8.23 -11.65
N LEU B 169 -19.84 -7.83 -10.51
CA LEU B 169 -18.41 -8.09 -10.31
C LEU B 169 -18.14 -9.56 -10.12
N GLY B 170 -19.12 -10.31 -9.63
CA GLY B 170 -18.96 -11.75 -9.44
C GLY B 170 -18.32 -12.15 -8.14
N VAL B 171 -18.12 -11.22 -7.20
CA VAL B 171 -17.39 -11.53 -5.97
C VAL B 171 -18.15 -11.03 -4.74
N LEU B 172 -17.76 -11.59 -3.60
CA LEU B 172 -18.25 -11.14 -2.30
C LEU B 172 -17.23 -11.55 -1.25
N THR B 173 -17.02 -10.72 -0.22
CA THR B 173 -16.19 -11.13 0.89
C THR B 173 -16.96 -11.00 2.19
N ASN B 174 -16.48 -10.19 3.12
CA ASN B 174 -17.09 -10.03 4.43
C ASN B 174 -17.37 -8.55 4.66
N SER B 175 -17.36 -8.09 5.90
CA SER B 175 -17.83 -6.75 6.21
C SER B 175 -16.83 -5.69 5.77
N PRO B 176 -17.30 -4.45 5.50
CA PRO B 176 -18.66 -3.93 5.64
C PRO B 176 -19.61 -4.30 4.48
N ASP B 177 -20.68 -3.51 4.32
CA ASP B 177 -21.75 -3.83 3.38
C ASP B 177 -21.30 -3.73 1.92
N PHE B 178 -22.12 -4.29 1.03
CA PHE B 178 -21.71 -4.47 -0.36
C PHE B 178 -21.53 -3.14 -1.09
N ASN B 179 -22.42 -2.17 -0.83
CA ASN B 179 -22.25 -0.89 -1.50
C ASN B 179 -20.97 -0.19 -1.06
N TRP B 180 -20.56 -0.39 0.20
CA TRP B 180 -19.27 0.17 0.63
C TRP B 180 -18.13 -0.38 -0.23
N HIS B 181 -18.13 -1.71 -0.47
CA HIS B 181 -17.05 -2.31 -1.25
C HIS B 181 -17.08 -1.85 -2.70
N LEU B 182 -18.28 -1.81 -3.32
CA LEU B 182 -18.40 -1.30 -4.68
C LEU B 182 -17.82 0.10 -4.78
N THR B 183 -18.15 0.95 -3.80
CA THR B 183 -17.67 2.32 -3.79
C THR B 183 -16.15 2.36 -3.64
N ASN B 184 -15.60 1.45 -2.83
CA ASN B 184 -14.15 1.40 -2.64
C ASN B 184 -13.40 1.16 -3.94
N LEU B 185 -14.00 0.46 -4.90
CA LEU B 185 -13.27 0.13 -6.13
C LEU B 185 -12.82 1.37 -6.89
N GLY B 186 -13.60 2.46 -6.81
CA GLY B 186 -13.21 3.69 -7.49
C GLY B 186 -11.88 4.24 -7.02
N ASN B 187 -11.46 3.89 -5.80
CA ASN B 187 -10.17 4.30 -5.27
C ASN B 187 -9.01 3.47 -5.82
N TYR B 188 -9.31 2.41 -6.56
CA TYR B 188 -8.29 1.55 -7.16
C TYR B 188 -8.27 1.63 -8.68
N THR B 189 -8.81 2.72 -9.25
CA THR B 189 -8.83 2.87 -10.70
C THR B 189 -7.45 3.09 -11.28
N GLY B 190 -6.46 3.42 -10.44
CA GLY B 190 -5.09 3.52 -10.91
C GLY B 190 -4.46 2.18 -11.25
N LEU B 191 -5.06 1.07 -10.81
CA LEU B 191 -4.54 -0.25 -11.17
C LEU B 191 -4.67 -0.47 -12.66
N ASN B 192 -3.64 -1.09 -13.25
CA ASN B 192 -3.65 -1.36 -14.68
C ASN B 192 -2.85 -2.64 -14.90
N PRO B 193 -3.43 -3.63 -15.58
CA PRO B 193 -2.63 -4.84 -15.91
C PRO B 193 -1.38 -4.54 -16.71
N HIS B 194 -1.37 -3.47 -17.50
CA HIS B 194 -0.25 -3.22 -18.40
C HIS B 194 0.96 -2.73 -17.62
N ASP B 195 2.12 -3.34 -17.90
CA ASP B 195 3.35 -2.98 -17.22
C ASP B 195 3.75 -1.55 -17.56
N ALA B 196 4.44 -0.92 -16.61
CA ALA B 196 5.04 0.39 -16.86
C ALA B 196 6.29 0.22 -17.72
N THR B 197 6.82 1.34 -18.18
CA THR B 197 8.01 1.39 -19.02
C THR B 197 9.09 2.23 -18.33
N ALA B 198 10.27 2.25 -18.93
CA ALA B 198 11.37 3.03 -18.38
C ALA B 198 11.00 4.51 -18.36
N GLN B 199 11.48 5.22 -17.32
CA GLN B 199 11.16 6.61 -17.11
C GLN B 199 12.43 7.37 -16.73
N SER B 200 12.30 8.68 -16.66
CA SER B 200 13.38 9.55 -16.21
C SER B 200 12.84 10.46 -15.13
N TRP B 201 13.38 10.31 -13.93
CA TRP B 201 12.97 11.14 -12.79
C TRP B 201 14.06 12.16 -12.59
N ASN B 202 13.83 13.40 -13.02
CA ASN B 202 14.83 14.46 -12.91
C ASN B 202 16.14 14.07 -13.61
N GLY B 203 16.05 13.28 -14.67
CA GLY B 203 17.22 12.82 -15.39
C GLY B 203 17.78 11.49 -14.92
N GLN B 204 17.28 10.94 -13.82
CA GLN B 204 17.73 9.65 -13.33
C GLN B 204 16.87 8.59 -14.01
N LYS B 205 17.51 7.64 -14.71
CA LYS B 205 16.76 6.55 -15.33
C LYS B 205 16.17 5.67 -14.23
N VAL B 206 14.86 5.45 -14.33
CA VAL B 206 14.11 4.60 -13.40
C VAL B 206 13.28 3.65 -14.24
N ALA B 207 13.53 2.34 -14.12
CA ALA B 207 12.86 1.37 -14.98
C ALA B 207 12.43 0.16 -14.17
N PRO B 208 11.37 -0.53 -14.60
CA PRO B 208 10.93 -1.75 -13.92
C PRO B 208 12.04 -2.78 -13.82
N TRP B 209 12.06 -3.52 -12.70
CA TRP B 209 12.95 -4.66 -12.56
C TRP B 209 12.31 -5.97 -13.02
N GLY B 210 10.98 -6.02 -13.07
CA GLY B 210 10.29 -7.19 -13.55
C GLY B 210 8.87 -6.81 -13.90
N VAL B 211 8.11 -7.81 -14.36
CA VAL B 211 6.73 -7.55 -14.77
C VAL B 211 5.85 -7.36 -13.54
N GLY B 212 4.70 -6.70 -13.77
CA GLY B 212 3.69 -6.53 -12.75
C GLY B 212 3.54 -5.11 -12.22
N THR B 213 4.31 -4.15 -12.75
CA THR B 213 4.41 -2.82 -12.15
C THR B 213 3.10 -2.03 -12.24
N GLY B 214 2.25 -2.33 -13.22
CA GLY B 214 0.99 -1.60 -13.37
C GLY B 214 0.02 -1.78 -12.21
N SER B 215 0.15 -2.85 -11.43
CA SER B 215 -0.77 -3.12 -10.34
C SER B 215 -0.22 -2.67 -8.99
N LEU B 216 0.77 -1.78 -8.98
CA LEU B 216 1.22 -1.13 -7.76
C LEU B 216 0.03 -0.68 -6.93
N GLY B 217 0.05 -1.02 -5.65
CA GLY B 217 -1.03 -0.67 -4.74
C GLY B 217 -2.09 -1.73 -4.56
N LEU B 218 -2.04 -2.83 -5.30
CA LEU B 218 -3.01 -3.91 -5.10
C LEU B 218 -2.72 -4.55 -3.74
N PRO B 219 -3.68 -4.62 -2.82
CA PRO B 219 -3.38 -5.12 -1.48
C PRO B 219 -3.37 -6.64 -1.42
N GLY B 220 -2.48 -7.17 -0.57
CA GLY B 220 -2.32 -8.61 -0.47
C GLY B 220 -2.63 -9.21 0.88
N ASP B 221 -3.14 -8.39 1.80
CA ASP B 221 -3.53 -8.85 3.12
C ASP B 221 -4.96 -9.41 3.06
N SER B 222 -5.43 -9.94 4.19
CA SER B 222 -6.72 -10.61 4.24
C SER B 222 -7.86 -9.76 4.80
N ILE B 223 -7.63 -8.46 5.03
CA ILE B 223 -8.76 -7.61 5.44
C ILE B 223 -9.86 -7.75 4.39
N PRO B 224 -11.14 -7.86 4.76
CA PRO B 224 -12.16 -8.16 3.73
C PRO B 224 -12.21 -7.17 2.59
N ALA B 225 -12.04 -5.87 2.87
CA ALA B 225 -12.05 -4.87 1.81
C ALA B 225 -10.95 -5.13 0.80
N ASP B 226 -9.79 -5.60 1.29
CA ASP B 226 -8.64 -5.79 0.41
C ASP B 226 -8.79 -7.05 -0.43
N ARG B 227 -9.29 -8.15 0.15
CA ARG B 227 -9.60 -9.32 -0.65
C ARG B 227 -10.70 -9.02 -1.67
N PHE B 228 -11.67 -8.17 -1.30
CA PHE B 228 -12.71 -7.80 -2.26
C PHE B 228 -12.10 -7.08 -3.47
N VAL B 229 -11.29 -6.05 -3.22
CA VAL B 229 -10.62 -5.34 -4.31
C VAL B 229 -9.85 -6.32 -5.19
N LYS B 230 -9.01 -7.15 -4.57
CA LYS B 230 -8.18 -8.04 -5.38
C LYS B 230 -9.00 -9.07 -6.12
N ALA B 231 -9.98 -9.69 -5.45
CA ALA B 231 -10.83 -10.68 -6.14
C ALA B 231 -11.57 -10.03 -7.31
N ALA B 232 -12.13 -8.83 -7.10
CA ALA B 232 -12.87 -8.16 -8.17
C ALA B 232 -11.96 -7.84 -9.34
N TYR B 233 -10.73 -7.37 -9.05
CA TYR B 233 -9.78 -7.03 -10.08
C TYR B 233 -9.34 -8.27 -10.87
N LEU B 234 -9.05 -9.37 -10.16
CA LEU B 234 -8.64 -10.59 -10.86
C LEU B 234 -9.75 -11.13 -11.73
N ASN B 235 -10.98 -11.16 -11.21
CA ASN B 235 -12.10 -11.67 -11.99
C ASN B 235 -12.39 -10.77 -13.18
N ALA B 236 -12.26 -9.45 -13.00
CA ALA B 236 -12.52 -8.53 -14.09
C ALA B 236 -11.55 -8.72 -15.24
N ASN B 237 -10.32 -9.14 -14.96
CA ASN B 237 -9.30 -9.22 -15.99
C ASN B 237 -8.95 -10.64 -16.42
N TYR B 238 -9.50 -11.66 -15.77
CA TYR B 238 -9.21 -13.04 -16.18
C TYR B 238 -9.97 -13.34 -17.45
N PRO B 239 -9.29 -13.73 -18.53
CA PRO B 239 -9.99 -13.99 -19.80
C PRO B 239 -10.92 -15.19 -19.70
N ALA B 240 -11.80 -15.30 -20.69
CA ALA B 240 -12.68 -16.46 -20.75
C ALA B 240 -11.86 -17.74 -20.86
N ALA B 241 -12.31 -18.78 -20.18
CA ALA B 241 -11.73 -20.11 -20.29
C ALA B 241 -12.71 -21.04 -20.99
N LYS B 242 -12.17 -22.04 -21.71
CA LYS B 242 -12.98 -22.98 -22.48
C LYS B 242 -12.88 -24.38 -21.87
N GLY B 243 -14.02 -24.99 -21.59
CA GLY B 243 -14.05 -26.35 -21.11
C GLY B 243 -14.05 -26.45 -19.59
N GLU B 244 -14.43 -27.64 -19.09
CA GLU B 244 -14.61 -27.84 -17.65
C GLU B 244 -13.29 -27.69 -16.90
N LYS B 245 -12.24 -28.36 -17.35
CA LYS B 245 -10.97 -28.33 -16.61
C LYS B 245 -10.42 -26.92 -16.52
N ALA B 246 -10.42 -26.19 -17.63
CA ALA B 246 -9.85 -24.84 -17.63
C ALA B 246 -10.68 -23.88 -16.81
N ASN B 247 -12.00 -24.03 -16.79
CA ASN B 247 -12.81 -23.12 -15.99
C ASN B 247 -12.67 -23.42 -14.50
N VAL B 248 -12.64 -24.70 -14.13
CA VAL B 248 -12.41 -25.05 -12.74
C VAL B 248 -11.05 -24.55 -12.29
N ALA B 249 -10.03 -24.67 -13.16
CA ALA B 249 -8.71 -24.18 -12.81
C ALA B 249 -8.71 -22.66 -12.63
N LYS B 250 -9.29 -21.94 -13.59
CA LYS B 250 -9.42 -20.48 -13.47
C LYS B 250 -10.05 -20.10 -12.14
N PHE B 251 -11.13 -20.79 -11.78
CA PHE B 251 -11.83 -20.54 -10.53
C PHE B 251 -10.90 -20.73 -9.32
N PHE B 252 -10.20 -21.87 -9.26
CA PHE B 252 -9.31 -22.13 -8.14
C PHE B 252 -8.09 -21.21 -8.16
N ASN B 253 -7.63 -20.82 -9.35
CA ASN B 253 -6.54 -19.86 -9.44
C ASN B 253 -6.91 -18.57 -8.73
N ILE B 254 -8.11 -18.05 -9.01
CA ILE B 254 -8.51 -16.78 -8.41
C ILE B 254 -8.72 -16.93 -6.91
N LEU B 255 -9.47 -17.95 -6.48
CA LEU B 255 -9.74 -18.08 -5.06
C LEU B 255 -8.48 -18.41 -4.25
N LYS B 256 -7.58 -19.24 -4.79
CA LYS B 256 -6.37 -19.54 -4.04
C LYS B 256 -5.45 -18.32 -3.95
N SER B 257 -5.52 -17.42 -4.94
CA SER B 257 -4.77 -16.17 -4.87
C SER B 257 -5.20 -15.34 -3.67
N VAL B 258 -6.50 -15.34 -3.35
CA VAL B 258 -7.01 -14.52 -2.25
C VAL B 258 -7.30 -15.33 -1.00
N ALA B 259 -6.72 -16.52 -0.88
CA ALA B 259 -6.89 -17.33 0.32
C ALA B 259 -6.26 -16.67 1.52
N MET B 260 -6.80 -16.99 2.71
CA MET B 260 -6.29 -16.52 3.98
C MET B 260 -5.35 -17.61 4.49
N ILE B 261 -4.06 -17.31 4.54
CA ILE B 261 -3.03 -18.35 4.66
C ILE B 261 -2.76 -18.63 6.13
N LYS B 262 -2.73 -19.92 6.49
CA LYS B 262 -2.56 -20.32 7.89
C LYS B 262 -1.31 -19.72 8.51
N GLY B 263 -1.47 -19.16 9.72
CA GLY B 263 -0.40 -18.50 10.42
C GLY B 263 -0.30 -17.02 10.16
N SER B 264 -0.89 -16.52 9.07
CA SER B 264 -0.80 -15.11 8.74
C SER B 264 -1.85 -14.25 9.43
N VAL B 265 -2.89 -14.86 10.01
CA VAL B 265 -3.97 -14.15 10.71
C VAL B 265 -4.23 -14.83 12.05
N VAL B 266 -4.11 -14.08 13.14
CA VAL B 266 -4.49 -14.55 14.47
C VAL B 266 -5.53 -13.58 15.02
N ASN B 267 -6.73 -14.08 15.32
CA ASN B 267 -7.79 -13.17 15.74
C ASN B 267 -7.62 -12.76 17.21
N VAL B 268 -8.49 -11.84 17.65
CA VAL B 268 -8.34 -11.30 19.01
C VAL B 268 -8.72 -12.31 20.07
N GLN B 269 -9.40 -13.39 19.70
CA GLN B 269 -9.64 -14.50 20.60
C GLN B 269 -8.52 -15.52 20.60
N GLY B 270 -7.42 -15.23 19.89
CA GLY B 270 -6.22 -16.03 19.96
C GLY B 270 -6.12 -17.18 18.99
N LYS B 271 -7.05 -17.29 18.04
CA LYS B 271 -7.13 -18.44 17.15
C LYS B 271 -6.64 -18.06 15.75
N ASP B 272 -6.00 -19.02 15.08
CA ASP B 272 -5.64 -18.83 13.67
C ASP B 272 -6.90 -18.82 12.83
N GLU B 273 -7.02 -17.84 11.94
CA GLU B 273 -8.10 -17.80 10.95
C GLU B 273 -7.48 -18.03 9.57
N TYR B 274 -8.06 -18.95 8.81
CA TYR B 274 -7.49 -19.28 7.50
C TYR B 274 -8.53 -19.98 6.64
N THR B 275 -8.21 -20.10 5.35
CA THR B 275 -9.06 -20.77 4.37
C THR B 275 -8.98 -22.27 4.61
N VAL B 276 -10.00 -22.82 5.27
CA VAL B 276 -10.00 -24.24 5.55
C VAL B 276 -10.34 -25.06 4.31
N TYR B 277 -11.14 -24.50 3.40
CA TYR B 277 -11.40 -25.19 2.14
C TYR B 277 -11.70 -24.16 1.06
N THR B 278 -11.52 -24.60 -0.19
CA THR B 278 -11.98 -23.90 -1.38
C THR B 278 -12.86 -24.86 -2.15
N ALA B 279 -14.01 -24.39 -2.63
CA ALA B 279 -14.95 -25.26 -3.33
C ALA B 279 -15.56 -24.54 -4.52
N CYS B 280 -15.88 -25.34 -5.54
CA CYS B 280 -16.47 -24.86 -6.78
C CYS B 280 -17.57 -25.81 -7.21
N TYR B 281 -18.77 -25.29 -7.43
CA TYR B 281 -19.82 -26.06 -8.08
C TYR B 281 -19.84 -25.72 -9.56
N SER B 282 -19.79 -26.74 -10.41
CA SER B 282 -19.94 -26.57 -11.85
C SER B 282 -21.36 -27.04 -12.21
N SER B 283 -22.20 -26.08 -12.62
CA SER B 283 -23.58 -26.44 -12.97
C SER B 283 -23.62 -27.38 -14.16
N GLY B 284 -22.70 -27.20 -15.12
CA GLY B 284 -22.72 -28.00 -16.33
C GLY B 284 -22.45 -29.48 -16.09
N SER B 285 -21.64 -29.80 -15.09
CA SER B 285 -21.33 -31.18 -14.77
C SER B 285 -22.00 -31.67 -13.50
N LYS B 286 -22.79 -30.82 -12.83
CA LYS B 286 -23.40 -31.14 -11.54
C LYS B 286 -22.38 -31.66 -10.52
N THR B 287 -21.16 -31.13 -10.57
CA THR B 287 -20.05 -31.63 -9.77
C THR B 287 -19.58 -30.53 -8.82
N TYR B 288 -19.40 -30.91 -7.56
CA TYR B 288 -18.83 -30.05 -6.53
C TYR B 288 -17.37 -30.46 -6.36
N TYR B 289 -16.45 -29.53 -6.63
CA TYR B 289 -15.03 -29.73 -6.47
C TYR B 289 -14.58 -29.05 -5.19
N CYS B 290 -13.67 -29.67 -4.44
CA CYS B 290 -13.14 -29.02 -3.24
C CYS B 290 -11.75 -29.51 -2.90
N ASN B 291 -10.97 -28.65 -2.25
CA ASN B 291 -9.78 -29.08 -1.53
C ASN B 291 -9.72 -28.35 -0.19
N PHE B 292 -8.74 -28.74 0.62
CA PHE B 292 -8.68 -28.35 2.02
C PHE B 292 -7.28 -27.87 2.35
N GLU B 293 -7.17 -27.10 3.44
CA GLU B 293 -5.89 -26.50 3.80
C GLU B 293 -4.81 -27.57 3.99
N ASP B 294 -5.19 -28.76 4.46
CA ASP B 294 -4.22 -29.82 4.75
C ASP B 294 -4.32 -31.00 3.79
N ASP B 295 -5.00 -30.82 2.66
CA ASP B 295 -5.04 -31.86 1.63
C ASP B 295 -5.44 -31.15 0.32
N PHE B 296 -4.45 -30.93 -0.54
CA PHE B 296 -4.64 -30.12 -1.73
C PHE B 296 -5.31 -30.87 -2.88
N GLU B 297 -5.46 -32.19 -2.77
CA GLU B 297 -6.06 -32.96 -3.84
C GLU B 297 -7.46 -32.44 -4.15
N LEU B 298 -7.75 -32.25 -5.43
CA LEU B 298 -9.06 -31.78 -5.85
C LEU B 298 -10.02 -32.96 -5.84
N LYS B 299 -10.96 -32.97 -4.89
CA LYS B 299 -11.95 -34.03 -4.76
C LYS B 299 -13.24 -33.63 -5.47
N THR B 300 -13.96 -34.63 -6.00
CA THR B 300 -15.19 -34.38 -6.76
C THR B 300 -16.34 -35.20 -6.21
N TYR B 301 -17.52 -34.57 -6.19
CA TYR B 301 -18.76 -35.17 -5.69
C TYR B 301 -19.86 -34.74 -6.65
N LYS B 302 -20.79 -35.63 -6.96
CA LYS B 302 -21.68 -35.39 -8.09
C LYS B 302 -23.14 -35.67 -7.75
N LEU B 303 -24.02 -34.81 -8.25
CA LEU B 303 -25.45 -35.08 -8.23
C LEU B 303 -25.79 -35.94 -9.45
N ASP B 304 -26.27 -37.15 -9.21
CA ASP B 304 -26.69 -38.05 -10.28
C ASP B 304 -27.96 -38.75 -9.84
N ASP B 305 -28.47 -39.66 -10.68
CA ASP B 305 -29.74 -40.30 -10.36
C ASP B 305 -29.67 -41.15 -9.10
N LYS B 306 -28.50 -41.68 -8.77
CA LYS B 306 -28.35 -42.42 -7.52
C LYS B 306 -28.38 -41.48 -6.32
N THR B 307 -27.53 -40.45 -6.32
CA THR B 307 -27.44 -39.59 -5.15
C THR B 307 -28.67 -38.71 -4.99
N MET B 308 -29.24 -38.23 -6.11
CA MET B 308 -30.38 -37.32 -6.01
C MET B 308 -31.63 -38.00 -5.48
N ASN B 309 -31.72 -39.32 -5.62
CA ASN B 309 -32.90 -40.07 -5.19
C ASN B 309 -32.64 -40.91 -3.94
N SER B 310 -31.55 -40.63 -3.22
CA SER B 310 -31.24 -41.38 -2.01
C SER B 310 -32.34 -41.15 -0.97
N THR B 311 -32.56 -42.15 -0.12
CA THR B 311 -33.48 -41.97 1.00
C THR B 311 -32.84 -41.28 2.19
N SER B 312 -31.51 -41.16 2.19
CA SER B 312 -30.78 -40.59 3.31
C SER B 312 -29.87 -39.48 2.80
N LEU B 313 -29.50 -38.59 3.70
CA LEU B 313 -28.40 -37.68 3.41
C LEU B 313 -27.17 -38.51 3.10
N ILE B 314 -26.43 -38.08 2.09
CA ILE B 314 -25.15 -38.67 1.78
C ILE B 314 -24.10 -37.71 2.32
N THR B 315 -23.38 -38.15 3.35
CA THR B 315 -22.40 -37.32 4.03
C THR B 315 -21.03 -37.93 3.81
N TYR B 316 -20.14 -37.17 3.17
CA TYR B 316 -18.79 -37.64 2.97
C TYR B 316 -17.93 -37.28 4.18
N HIS B 317 -16.64 -37.57 4.10
CA HIS B 317 -15.77 -37.49 5.27
C HIS B 317 -15.79 -36.10 5.88
N HIS B 318 -15.78 -36.07 7.21
CA HIS B 318 -15.74 -34.80 7.94
C HIS B 318 -14.30 -34.31 8.07
N HIS B 319 -14.13 -33.01 7.89
CA HIS B 319 -12.82 -32.37 7.91
C HIS B 319 -12.68 -31.56 9.20
N HIS B 320 -11.79 -31.99 10.07
CA HIS B 320 -11.58 -31.33 11.35
C HIS B 320 -10.31 -30.49 11.32
N HIS B 321 -10.33 -29.41 12.09
CA HIS B 321 -9.25 -28.43 12.11
C HIS B 321 -9.41 -27.63 13.39
N HIS B 322 -8.43 -26.77 13.66
CA HIS B 322 -8.45 -25.94 14.87
C HIS B 322 -8.56 -26.81 16.12
N CYS C 2 -9.32 18.87 -1.33
CA CYS C 2 -9.38 19.70 -0.13
C CYS C 2 -9.24 18.83 1.09
N THR C 3 -8.68 19.38 2.15
CA THR C 3 -8.70 18.74 3.46
C THR C 3 -9.09 19.79 4.49
N GLY C 4 -10.09 19.49 5.29
CA GLY C 4 -10.49 20.33 6.39
C GLY C 4 -10.01 19.74 7.71
N LEU C 5 -9.64 20.61 8.64
CA LEU C 5 -9.11 20.16 9.92
C LEU C 5 -9.59 21.09 11.03
N ARG C 6 -9.98 20.50 12.16
CA ARG C 6 -10.21 21.27 13.38
C ARG C 6 -9.69 20.51 14.58
N PHE C 7 -9.20 21.26 15.57
CA PHE C 7 -8.87 20.73 16.87
C PHE C 7 -8.85 21.91 17.84
N THR C 8 -8.81 21.60 19.13
CA THR C 8 -8.71 22.63 20.16
C THR C 8 -7.46 22.39 21.01
N ASP C 9 -7.09 23.41 21.78
CA ASP C 9 -6.10 23.24 22.83
C ASP C 9 -6.81 22.90 24.13
N GLU C 10 -6.04 22.76 25.21
CA GLU C 10 -6.66 22.42 26.49
C GLU C 10 -7.48 23.57 27.07
N GLN C 11 -7.37 24.77 26.52
CA GLN C 11 -8.13 25.92 27.00
C GLN C 11 -9.41 26.18 26.21
N GLY C 12 -9.74 25.31 25.26
CA GLY C 12 -10.92 25.51 24.44
C GLY C 12 -10.75 26.46 23.27
N ASN C 13 -9.52 26.80 22.90
CA ASN C 13 -9.28 27.63 21.72
C ASN C 13 -9.32 26.75 20.48
N LEU C 14 -10.02 27.20 19.45
CA LEU C 14 -10.22 26.41 18.23
C LEU C 14 -9.24 26.82 17.15
N TYR C 15 -8.71 25.82 16.45
CA TYR C 15 -7.91 26.01 15.25
C TYR C 15 -8.60 25.21 14.15
N PHE C 16 -9.05 25.90 13.11
CA PHE C 16 -9.98 25.31 12.14
C PHE C 16 -9.71 25.93 10.79
N GLY C 17 -9.62 25.11 9.75
CA GLY C 17 -9.34 25.61 8.42
C GLY C 17 -9.16 24.48 7.42
N ARG C 18 -8.47 24.78 6.33
CA ARG C 18 -8.50 23.85 5.22
C ARG C 18 -7.38 24.13 4.21
N ASN C 19 -7.05 23.09 3.45
CA ASN C 19 -6.38 23.23 2.16
C ASN C 19 -7.46 23.35 1.09
N LEU C 20 -7.26 24.26 0.14
CA LEU C 20 -8.08 24.32 -1.06
C LEU C 20 -7.29 23.69 -2.20
N ASP C 21 -7.81 22.58 -2.75
CA ASP C 21 -7.14 21.84 -3.81
C ASP C 21 -7.98 21.98 -5.07
N VAL C 22 -7.44 22.68 -6.07
CA VAL C 22 -8.21 23.01 -7.26
C VAL C 22 -7.32 22.90 -8.50
N GLY C 23 -7.97 22.90 -9.65
CA GLY C 23 -7.28 22.76 -10.93
C GLY C 23 -7.49 23.92 -11.87
N GLN C 24 -7.78 25.10 -11.33
CA GLN C 24 -7.99 26.29 -12.13
C GLN C 24 -7.95 27.50 -11.21
N ASP C 25 -7.94 28.68 -11.82
CA ASP C 25 -7.86 29.94 -11.09
C ASP C 25 -9.22 30.31 -10.53
N TYR C 26 -9.21 30.92 -9.34
CA TYR C 26 -10.38 31.59 -8.81
C TYR C 26 -10.11 33.03 -8.36
N GLY C 27 -8.86 33.48 -8.36
CA GLY C 27 -8.57 34.80 -7.84
C GLY C 27 -9.04 34.96 -6.41
N GLU C 28 -8.82 33.95 -5.59
CA GLU C 28 -9.32 33.96 -4.22
C GLU C 28 -8.56 34.99 -3.40
N GLY C 29 -9.21 35.49 -2.36
CA GLY C 29 -8.57 36.44 -1.47
C GLY C 29 -9.29 36.48 -0.15
N VAL C 30 -8.61 37.03 0.85
CA VAL C 30 -9.20 37.16 2.17
C VAL C 30 -10.25 38.27 2.13
N ILE C 31 -11.42 38.00 2.71
CA ILE C 31 -12.51 38.96 2.78
C ILE C 31 -12.97 39.06 4.22
N ILE C 32 -13.10 40.28 4.72
CA ILE C 32 -13.76 40.52 5.99
C ILE C 32 -15.13 41.12 5.69
N THR C 33 -16.18 40.41 6.12
CA THR C 33 -17.55 40.91 6.02
C THR C 33 -17.91 41.50 7.36
N PRO C 34 -18.20 42.81 7.44
CA PRO C 34 -18.44 43.43 8.76
C PRO C 34 -19.89 43.26 9.21
N ARG C 35 -20.16 43.73 10.41
CA ARG C 35 -21.53 43.78 10.92
C ARG C 35 -22.37 44.78 10.15
N HIS C 36 -23.68 44.53 10.08
CA HIS C 36 -24.66 45.40 9.45
C HIS C 36 -24.51 45.50 7.94
N TYR C 37 -23.89 44.51 7.32
CA TYR C 37 -23.70 44.50 5.89
C TYR C 37 -24.90 43.84 5.21
N PRO C 38 -25.33 44.35 4.04
CA PRO C 38 -26.50 43.77 3.37
C PRO C 38 -26.31 42.30 3.06
N LEU C 39 -27.34 41.51 3.33
CA LEU C 39 -27.29 40.05 3.19
C LEU C 39 -28.56 39.61 2.47
N PRO C 40 -28.56 39.64 1.15
CA PRO C 40 -29.72 39.14 0.40
C PRO C 40 -29.72 37.62 0.35
N TYR C 41 -30.92 37.07 0.23
CA TYR C 41 -31.13 35.63 0.06
C TYR C 41 -31.99 35.41 -1.18
N LYS C 42 -31.74 34.27 -1.86
CA LYS C 42 -32.52 33.95 -3.05
C LYS C 42 -33.93 33.49 -2.71
N PHE C 43 -34.10 32.83 -1.57
CA PHE C 43 -35.38 32.29 -1.16
C PHE C 43 -35.87 32.80 0.19
N LEU C 44 -34.97 33.10 1.10
CA LEU C 44 -35.34 33.66 2.39
C LEU C 44 -35.48 35.17 2.31
N ASP C 45 -36.03 35.77 3.37
CA ASP C 45 -36.11 37.23 3.43
C ASP C 45 -34.71 37.82 3.39
N ASN C 46 -34.56 38.96 2.72
CA ASN C 46 -33.30 39.69 2.75
C ASN C 46 -33.12 40.30 4.14
N THR C 47 -31.87 40.41 4.56
CA THR C 47 -31.58 40.94 5.89
C THR C 47 -30.21 41.64 5.85
N THR C 48 -29.56 41.75 7.01
CA THR C 48 -28.21 42.27 7.12
C THR C 48 -27.40 41.38 8.04
N THR C 49 -26.08 41.45 7.93
CA THR C 49 -25.26 40.65 8.82
C THR C 49 -25.37 41.12 10.26
N LYS C 50 -25.40 40.16 11.18
CA LYS C 50 -25.34 40.43 12.61
C LYS C 50 -23.95 40.20 13.20
N LYS C 51 -23.10 39.44 12.52
CA LYS C 51 -21.79 39.10 13.04
C LYS C 51 -20.74 39.38 11.97
N ALA C 52 -19.55 39.79 12.40
CA ALA C 52 -18.44 39.91 11.48
C ALA C 52 -17.91 38.52 11.14
N VAL C 53 -17.42 38.38 9.91
CA VAL C 53 -16.95 37.10 9.38
C VAL C 53 -15.64 37.34 8.63
N ILE C 54 -14.71 36.38 8.72
CA ILE C 54 -13.45 36.42 7.99
C ILE C 54 -13.26 35.08 7.27
N GLY C 55 -12.56 35.12 6.15
CA GLY C 55 -12.26 33.90 5.43
C GLY C 55 -11.77 34.21 4.03
N MET C 56 -11.74 33.17 3.20
CA MET C 56 -11.25 33.28 1.84
C MET C 56 -12.41 33.11 0.87
N GLY C 57 -12.44 33.93 -0.17
CA GLY C 57 -13.51 33.82 -1.14
C GLY C 57 -13.38 34.80 -2.28
N ILE C 58 -14.51 35.03 -2.95
CA ILE C 58 -14.61 36.00 -4.03
C ILE C 58 -15.80 36.89 -3.73
N VAL C 59 -15.82 38.05 -4.37
CA VAL C 59 -16.94 38.98 -4.24
C VAL C 59 -17.65 39.08 -5.57
N VAL C 60 -18.97 38.87 -5.56
CA VAL C 60 -19.79 38.94 -6.76
C VAL C 60 -20.90 39.93 -6.47
N ASP C 61 -20.89 41.07 -7.16
CA ASP C 61 -21.90 42.12 -6.99
C ASP C 61 -22.08 42.47 -5.51
N GLY C 62 -20.97 42.64 -4.80
CA GLY C 62 -21.02 43.02 -3.41
C GLY C 62 -21.34 41.91 -2.44
N TYR C 63 -21.56 40.68 -2.92
CA TYR C 63 -21.81 39.54 -2.04
C TYR C 63 -20.52 38.77 -1.84
N PRO C 64 -20.06 38.57 -0.60
CA PRO C 64 -18.84 37.78 -0.37
C PRO C 64 -19.21 36.30 -0.37
N SER C 65 -18.72 35.57 -1.38
CA SER C 65 -18.96 34.14 -1.53
C SER C 65 -17.71 33.41 -1.05
N TYR C 66 -17.81 32.79 0.13
CA TYR C 66 -16.65 32.23 0.82
C TYR C 66 -16.40 30.77 0.45
N PHE C 67 -15.12 30.42 0.32
CA PHE C 67 -14.69 29.02 0.33
C PHE C 67 -14.70 28.45 1.74
N ASP C 68 -14.33 29.28 2.72
CA ASP C 68 -14.35 28.92 4.13
C ASP C 68 -14.36 30.23 4.90
N CYS C 69 -15.08 30.26 6.01
CA CYS C 69 -15.28 31.51 6.72
C CYS C 69 -15.70 31.23 8.15
N TYR C 70 -15.46 32.21 9.02
CA TYR C 70 -15.51 32.02 10.46
C TYR C 70 -16.03 33.31 11.09
N ASN C 71 -16.97 33.20 12.02
CA ASN C 71 -17.54 34.39 12.61
C ASN C 71 -16.76 34.82 13.86
N GLU C 72 -17.06 36.05 14.31
CA GLU C 72 -16.39 36.63 15.46
C GLU C 72 -16.66 35.86 16.75
N ASP C 73 -17.64 34.96 16.76
CA ASP C 73 -17.97 34.17 17.92
C ASP C 73 -17.29 32.80 17.94
N GLY C 74 -16.47 32.51 16.94
CA GLY C 74 -15.72 31.26 16.92
C GLY C 74 -16.41 30.09 16.25
N LEU C 75 -17.45 30.32 15.45
CA LEU C 75 -18.12 29.27 14.68
C LEU C 75 -17.78 29.47 13.21
N GLY C 76 -17.33 28.39 12.54
CA GLY C 76 -16.90 28.50 11.17
C GLY C 76 -17.47 27.37 10.32
N ILE C 77 -17.23 27.50 9.02
CA ILE C 77 -17.68 26.52 8.04
C ILE C 77 -16.72 26.54 6.86
N ALA C 78 -16.41 25.35 6.32
CA ALA C 78 -15.60 25.24 5.12
C ALA C 78 -16.35 24.39 4.11
N GLY C 79 -16.42 24.86 2.87
CA GLY C 79 -17.01 24.09 1.79
C GLY C 79 -15.90 23.45 0.96
N LEU C 80 -15.96 22.11 0.86
CA LEU C 80 -14.94 21.31 0.21
C LEU C 80 -15.54 20.59 -0.99
N ASN C 81 -14.72 20.33 -2.00
CA ASN C 81 -15.21 19.71 -3.22
C ASN C 81 -15.86 18.35 -2.92
N PHE C 82 -16.97 18.08 -3.58
CA PHE C 82 -17.74 16.85 -3.37
C PHE C 82 -18.30 16.39 -4.71
N PRO C 83 -17.44 16.20 -5.70
CA PRO C 83 -17.93 15.84 -7.04
C PRO C 83 -18.44 14.41 -7.08
N HIS C 84 -19.24 14.12 -8.10
CA HIS C 84 -19.83 12.80 -8.27
C HIS C 84 -20.64 12.40 -7.04
N PHE C 85 -21.15 13.37 -6.29
CA PHE C 85 -21.92 13.07 -5.09
C PHE C 85 -22.87 14.19 -4.70
N ALA C 86 -22.38 15.42 -4.62
CA ALA C 86 -23.26 16.51 -4.23
C ALA C 86 -24.43 16.61 -5.19
N LYS C 87 -25.64 16.73 -4.64
CA LYS C 87 -26.83 16.91 -5.47
C LYS C 87 -27.81 17.77 -4.70
N PHE C 88 -28.12 18.94 -5.25
CA PHE C 88 -29.05 19.87 -4.63
C PHE C 88 -30.34 19.90 -5.43
N SER C 89 -31.41 20.42 -4.81
CA SER C 89 -32.72 20.33 -5.40
C SER C 89 -32.85 21.28 -6.60
N ASP C 90 -33.66 20.87 -7.58
CA ASP C 90 -33.83 21.69 -8.76
C ASP C 90 -34.36 23.07 -8.42
N GLY C 91 -35.35 23.13 -7.53
CA GLY C 91 -35.85 24.40 -7.05
C GLY C 91 -36.10 24.34 -5.56
N PRO C 92 -36.64 25.41 -5.01
CA PRO C 92 -36.94 25.43 -3.58
C PRO C 92 -38.08 24.47 -3.26
N ILE C 93 -38.12 24.06 -2.00
CA ILE C 93 -39.13 23.13 -1.51
C ILE C 93 -39.94 23.84 -0.45
N ASP C 94 -41.23 24.04 -0.70
CA ASP C 94 -42.06 24.82 0.21
C ASP C 94 -42.16 24.13 1.56
N GLY C 95 -42.12 24.92 2.63
CA GLY C 95 -42.07 24.42 3.98
C GLY C 95 -40.68 24.31 4.56
N LYS C 96 -39.65 24.29 3.73
CA LYS C 96 -38.27 24.22 4.18
C LYS C 96 -37.66 25.61 4.23
N ILE C 97 -36.58 25.73 5.01
CA ILE C 97 -35.66 26.85 4.89
C ILE C 97 -34.80 26.57 3.67
N ASN C 98 -35.05 27.29 2.58
CA ASN C 98 -34.41 27.03 1.30
C ASN C 98 -33.21 27.96 1.12
N LEU C 99 -32.05 27.36 0.86
CA LEU C 99 -30.81 28.09 0.63
C LEU C 99 -30.23 27.59 -0.67
N ALA C 100 -29.92 28.51 -1.60
CA ALA C 100 -29.00 28.13 -2.67
C ALA C 100 -27.73 27.65 -2.00
N SER C 101 -27.06 26.64 -2.58
CA SER C 101 -26.01 25.98 -1.80
C SER C 101 -24.91 26.95 -1.37
N TYR C 102 -24.61 27.96 -2.19
CA TYR C 102 -23.59 28.93 -1.81
C TYR C 102 -23.99 29.76 -0.59
N GLU C 103 -25.30 29.86 -0.30
CA GLU C 103 -25.75 30.70 0.81
C GLU C 103 -25.54 30.06 2.17
N ILE C 104 -25.20 28.77 2.25
CA ILE C 104 -25.02 28.13 3.56
C ILE C 104 -23.87 28.77 4.34
N MET C 105 -22.87 29.30 3.64
CA MET C 105 -21.69 29.83 4.33
C MET C 105 -22.07 30.97 5.25
N LEU C 106 -22.80 31.97 4.73
CA LEU C 106 -23.19 33.09 5.58
C LEU C 106 -24.40 32.75 6.44
N TRP C 107 -25.26 31.83 6.01
CA TRP C 107 -26.40 31.46 6.85
C TRP C 107 -25.93 30.84 8.17
N VAL C 108 -24.93 29.96 8.10
CA VAL C 108 -24.42 29.34 9.31
C VAL C 108 -23.69 30.36 10.18
N THR C 109 -22.83 31.19 9.57
CA THR C 109 -22.00 32.07 10.37
C THR C 109 -22.75 33.29 10.89
N GLN C 110 -23.87 33.65 10.28
CA GLN C 110 -24.62 34.81 10.75
C GLN C 110 -25.62 34.48 11.85
N ASN C 111 -26.16 33.27 11.87
CA ASN C 111 -27.33 32.98 12.68
C ASN C 111 -27.04 32.18 13.94
N PHE C 112 -25.81 31.68 14.12
CA PHE C 112 -25.53 30.76 15.20
C PHE C 112 -24.18 31.07 15.82
N THR C 113 -24.02 30.67 17.08
CA THR C 113 -22.73 30.63 17.74
C THR C 113 -22.33 29.22 18.18
N HIS C 114 -23.26 28.28 18.22
CA HIS C 114 -22.97 26.90 18.63
C HIS C 114 -23.43 25.92 17.56
N VAL C 115 -22.57 24.94 17.27
CA VAL C 115 -22.92 23.86 16.35
C VAL C 115 -24.21 23.16 16.78
N SER C 116 -24.46 23.07 18.09
CA SER C 116 -25.70 22.47 18.58
C SER C 116 -26.93 23.16 17.98
N GLU C 117 -26.89 24.49 17.87
CA GLU C 117 -27.98 25.23 17.26
C GLU C 117 -28.06 24.94 15.76
N VAL C 118 -26.90 24.84 15.09
CA VAL C 118 -26.89 24.58 13.66
C VAL C 118 -27.54 23.24 13.36
N LYS C 119 -27.16 22.21 14.13
CA LYS C 119 -27.70 20.86 13.94
C LYS C 119 -29.23 20.88 13.99
N GLU C 120 -29.78 21.52 15.01
CA GLU C 120 -31.23 21.54 15.15
C GLU C 120 -31.89 22.29 13.99
N ALA C 121 -31.33 23.43 13.59
CA ALA C 121 -31.91 24.20 12.49
C ALA C 121 -31.83 23.45 11.17
N LEU C 122 -30.76 22.67 10.95
CA LEU C 122 -30.57 21.99 9.67
C LEU C 122 -31.64 20.95 9.42
N LYS C 123 -32.36 20.52 10.47
CA LYS C 123 -33.43 19.55 10.30
C LYS C 123 -34.53 20.03 9.36
N ASN C 124 -34.63 21.35 9.12
CA ASN C 124 -35.62 21.87 8.17
C ASN C 124 -34.99 22.66 7.01
N VAL C 125 -33.72 22.43 6.70
CA VAL C 125 -33.03 23.14 5.62
C VAL C 125 -33.06 22.30 4.35
N ASN C 126 -33.27 22.97 3.20
CA ASN C 126 -33.14 22.35 1.90
C ASN C 126 -32.18 23.19 1.05
N LEU C 127 -31.17 22.53 0.48
CA LEU C 127 -30.19 23.22 -0.36
C LEU C 127 -30.59 23.09 -1.83
N VAL C 128 -30.56 24.21 -2.53
CA VAL C 128 -31.09 24.35 -3.88
C VAL C 128 -29.94 24.50 -4.86
N ASN C 129 -30.07 23.83 -6.01
CA ASN C 129 -29.14 23.93 -7.13
C ASN C 129 -29.31 25.27 -7.82
N GLU C 130 -28.90 26.35 -7.14
CA GLU C 130 -29.03 27.70 -7.67
C GLU C 130 -27.69 28.40 -7.49
N ALA C 131 -27.14 28.93 -8.58
CA ALA C 131 -25.84 29.56 -8.53
C ALA C 131 -25.98 31.03 -8.13
N ILE C 132 -24.85 31.66 -7.80
CA ILE C 132 -24.90 33.06 -7.38
C ILE C 132 -25.50 33.93 -8.49
N ASN C 133 -25.14 33.67 -9.75
CA ASN C 133 -25.87 34.21 -10.89
C ASN C 133 -25.62 33.30 -12.09
N SER C 134 -26.28 33.61 -13.20
CA SER C 134 -26.31 32.71 -14.34
C SER C 134 -24.94 32.53 -15.00
N SER C 135 -23.95 33.33 -14.63
CA SER C 135 -22.61 33.21 -15.20
C SER C 135 -21.71 32.27 -14.41
N PHE C 136 -22.21 31.70 -13.31
CA PHE C 136 -21.46 30.72 -12.52
C PHE C 136 -22.19 29.38 -12.56
N ALA C 137 -21.42 28.31 -12.44
CA ALA C 137 -22.02 27.01 -12.21
C ALA C 137 -22.11 26.75 -10.71
N VAL C 138 -23.03 25.86 -10.34
CA VAL C 138 -23.15 25.47 -8.93
C VAL C 138 -21.99 24.54 -8.59
N ALA C 139 -21.27 24.87 -7.54
CA ALA C 139 -20.13 24.07 -7.11
C ALA C 139 -20.61 22.83 -6.36
N PRO C 140 -20.15 21.63 -6.72
CA PRO C 140 -20.50 20.42 -5.94
C PRO C 140 -19.67 20.40 -4.67
N LEU C 141 -20.32 20.70 -3.54
CA LEU C 141 -19.62 20.86 -2.28
C LEU C 141 -20.30 20.05 -1.18
N HIS C 142 -19.52 19.74 -0.15
CA HIS C 142 -20.00 19.39 1.16
C HIS C 142 -19.27 20.26 2.18
N TRP C 143 -19.72 20.24 3.43
CA TRP C 143 -19.28 21.23 4.42
C TRP C 143 -18.86 20.57 5.72
N ILE C 144 -17.83 21.15 6.35
CA ILE C 144 -17.51 20.89 7.74
C ILE C 144 -17.77 22.19 8.51
N ILE C 145 -18.47 22.07 9.64
CA ILE C 145 -18.85 23.18 10.49
C ILE C 145 -18.31 22.88 11.88
N SER C 146 -17.68 23.85 12.53
CA SER C 146 -17.11 23.59 13.84
C SER C 146 -17.18 24.83 14.72
N ASP C 147 -17.39 24.60 16.02
CA ASP C 147 -17.05 25.56 17.06
C ASP C 147 -15.99 24.92 17.96
N SER C 148 -15.79 25.44 19.16
CA SER C 148 -14.79 24.86 20.06
C SER C 148 -15.28 23.59 20.74
N ASP C 149 -16.57 23.29 20.66
CA ASP C 149 -17.12 22.13 21.35
C ASP C 149 -17.26 20.91 20.46
N GLU C 150 -17.61 21.09 19.19
CA GLU C 150 -17.87 19.96 18.33
C GLU C 150 -17.84 20.41 16.87
N ALA C 151 -17.76 19.42 15.99
CA ALA C 151 -17.83 19.65 14.55
C ALA C 151 -18.85 18.72 13.94
N ILE C 152 -19.49 19.17 12.86
CA ILE C 152 -20.41 18.37 12.08
C ILE C 152 -20.05 18.43 10.60
N ILE C 153 -20.48 17.42 9.86
CA ILE C 153 -20.39 17.38 8.40
C ILE C 153 -21.80 17.48 7.85
N VAL C 154 -21.96 18.27 6.78
CA VAL C 154 -23.24 18.37 6.08
C VAL C 154 -23.02 17.92 4.64
N GLU C 155 -23.81 16.93 4.22
CA GLU C 155 -23.75 16.41 2.86
C GLU C 155 -25.15 16.24 2.33
N VAL C 156 -25.35 16.62 1.06
CA VAL C 156 -26.62 16.40 0.38
C VAL C 156 -26.32 15.66 -0.91
N SER C 157 -26.94 14.50 -1.10
CA SER C 157 -26.66 13.65 -2.24
C SER C 157 -27.96 13.03 -2.74
N LYS C 158 -27.92 12.49 -3.96
CA LYS C 158 -29.04 11.69 -4.44
C LYS C 158 -29.18 10.40 -3.63
N GLN C 159 -28.03 9.80 -3.29
CA GLN C 159 -28.02 8.52 -2.59
C GLN C 159 -28.71 8.62 -1.23
N TYR C 160 -28.42 9.67 -0.47
CA TYR C 160 -28.78 9.71 0.94
C TYR C 160 -29.61 10.92 1.34
N GLY C 161 -29.89 11.83 0.41
CA GLY C 161 -30.54 13.07 0.81
C GLY C 161 -29.58 13.90 1.65
N MET C 162 -30.14 14.72 2.55
CA MET C 162 -29.34 15.52 3.46
C MET C 162 -28.97 14.69 4.68
N LYS C 163 -27.68 14.63 4.97
CA LYS C 163 -27.16 13.94 6.14
C LYS C 163 -26.28 14.89 6.93
N VAL C 164 -26.36 14.80 8.25
CA VAL C 164 -25.54 15.58 9.16
C VAL C 164 -24.87 14.60 10.10
N PHE C 165 -23.55 14.63 10.16
CA PHE C 165 -22.78 13.68 10.95
C PHE C 165 -21.96 14.40 11.99
N GLU C 166 -21.86 13.82 13.18
CA GLU C 166 -20.83 14.22 14.14
C GLU C 166 -19.45 13.87 13.60
N ASP C 167 -18.49 14.78 13.76
CA ASP C 167 -17.13 14.61 13.25
C ASP C 167 -16.13 14.73 14.40
N LYS C 168 -16.10 13.72 15.28
CA LYS C 168 -15.10 13.67 16.33
C LYS C 168 -13.68 13.55 15.76
N LEU C 169 -13.53 12.98 14.56
CA LEU C 169 -12.20 12.86 13.96
C LEU C 169 -11.58 14.22 13.64
N GLY C 170 -12.41 15.26 13.44
CA GLY C 170 -11.90 16.59 13.17
C GLY C 170 -11.41 16.83 11.76
N VAL C 171 -11.71 15.94 10.81
CA VAL C 171 -11.21 16.09 9.44
C VAL C 171 -12.33 15.85 8.43
N LEU C 172 -12.08 16.33 7.20
CA LEU C 172 -12.95 16.07 6.05
C LEU C 172 -12.10 16.21 4.79
N THR C 173 -12.39 15.40 3.75
CA THR C 173 -11.74 15.60 2.47
C THR C 173 -12.81 15.73 1.38
N ASN C 174 -12.82 14.84 0.40
CA ASN C 174 -13.72 14.94 -0.73
C ASN C 174 -14.51 13.63 -0.85
N SER C 175 -14.92 13.26 -2.06
CA SER C 175 -15.85 12.15 -2.23
C SER C 175 -15.17 10.81 -1.98
N PRO C 176 -15.93 9.78 -1.58
CA PRO C 176 -17.39 9.71 -1.39
C PRO C 176 -17.87 10.27 -0.03
N ASP C 177 -19.03 9.81 0.44
CA ASP C 177 -19.70 10.40 1.58
C ASP C 177 -18.95 10.11 2.88
N PHE C 178 -19.32 10.87 3.93
CA PHE C 178 -18.55 10.84 5.17
C PHE C 178 -18.64 9.49 5.85
N ASN C 179 -19.81 8.85 5.84
CA ASN C 179 -19.93 7.56 6.49
C ASN C 179 -19.03 6.53 5.82
N TRP C 180 -18.91 6.61 4.50
CA TRP C 180 -17.99 5.72 3.79
C TRP C 180 -16.58 5.89 4.33
N HIS C 181 -16.14 7.14 4.50
CA HIS C 181 -14.77 7.36 4.98
C HIS C 181 -14.60 6.89 6.43
N LEU C 182 -15.57 7.21 7.30
CA LEU C 182 -15.50 6.74 8.67
C LEU C 182 -15.39 5.22 8.71
N THR C 183 -16.20 4.54 7.89
CA THR C 183 -16.15 3.09 7.81
C THR C 183 -14.77 2.61 7.35
N ASN C 184 -14.17 3.33 6.41
CA ASN C 184 -12.87 2.93 5.87
C ASN C 184 -11.79 2.90 6.96
N LEU C 185 -11.91 3.74 8.00
CA LEU C 185 -10.87 3.77 9.02
C LEU C 185 -10.71 2.43 9.72
N GLY C 186 -11.78 1.64 9.83
CA GLY C 186 -11.65 0.32 10.43
C GLY C 186 -10.66 -0.58 9.70
N ASN C 187 -10.42 -0.33 8.42
CA ASN C 187 -9.47 -1.09 7.63
C ASN C 187 -8.04 -0.66 7.85
N TYR C 188 -7.82 0.40 8.64
CA TYR C 188 -6.48 0.93 8.92
C TYR C 188 -6.12 0.82 10.40
N THR C 189 -6.84 -0.02 11.15
CA THR C 189 -6.56 -0.21 12.57
C THR C 189 -5.21 -0.88 12.81
N GLY C 190 -4.59 -1.48 11.78
CA GLY C 190 -3.26 -2.01 11.91
C GLY C 190 -2.19 -0.94 12.04
N LEU C 191 -2.51 0.32 11.75
CA LEU C 191 -1.54 1.40 11.92
C LEU C 191 -1.22 1.57 13.40
N ASN C 192 0.07 1.81 13.69
CA ASN C 192 0.51 1.98 15.06
C ASN C 192 1.65 2.99 15.05
N PRO C 193 1.57 4.06 15.84
CA PRO C 193 2.73 4.97 15.91
C PRO C 193 4.00 4.31 16.42
N HIS C 194 3.88 3.25 17.22
CA HIS C 194 5.06 2.65 17.83
C HIS C 194 5.87 1.87 16.80
N ASP C 195 7.18 2.10 16.80
CA ASP C 195 8.07 1.39 15.88
C ASP C 195 8.08 -0.10 16.17
N ALA C 196 8.30 -0.88 15.11
CA ALA C 196 8.55 -2.30 15.25
C ALA C 196 9.96 -2.52 15.79
N THR C 197 10.24 -3.76 16.17
CA THR C 197 11.54 -4.16 16.67
C THR C 197 12.11 -5.27 15.78
N ALA C 198 13.36 -5.65 16.06
CA ALA C 198 14.02 -6.71 15.30
C ALA C 198 13.24 -8.00 15.41
N GLN C 199 13.21 -8.77 14.32
CA GLN C 199 12.42 -9.98 14.20
C GLN C 199 13.27 -11.07 13.58
N SER C 200 12.77 -12.30 13.63
CA SER C 200 13.42 -13.45 13.00
C SER C 200 12.38 -14.09 12.09
N TRP C 201 12.63 -14.04 10.79
CA TRP C 201 11.74 -14.64 9.81
C TRP C 201 12.41 -15.96 9.42
N ASN C 202 11.91 -17.08 9.96
CA ASN C 202 12.50 -18.39 9.66
C ASN C 202 13.98 -18.43 9.99
N GLY C 203 14.39 -17.72 11.04
CA GLY C 203 15.80 -17.67 11.42
C GLY C 203 16.58 -16.53 10.81
N GLN C 204 16.06 -15.88 9.78
CA GLN C 204 16.74 -14.73 9.19
C GLN C 204 16.41 -13.48 10.01
N LYS C 205 17.46 -12.78 10.47
CA LYS C 205 17.24 -11.56 11.21
C LYS C 205 16.70 -10.48 10.28
N VAL C 206 15.59 -9.87 10.67
CA VAL C 206 14.94 -8.81 9.91
C VAL C 206 14.67 -7.67 10.88
N ALA C 207 15.25 -6.50 10.62
CA ALA C 207 15.16 -5.41 11.58
C ALA C 207 14.89 -4.09 10.87
N PRO C 208 14.18 -3.16 11.53
CA PRO C 208 13.96 -1.84 10.92
C PRO C 208 15.27 -1.16 10.56
N TRP C 209 15.24 -0.41 9.46
CA TRP C 209 16.37 0.43 9.07
C TRP C 209 16.27 1.85 9.61
N GLY C 210 15.06 2.29 9.97
CA GLY C 210 14.86 3.61 10.54
C GLY C 210 13.53 3.63 11.25
N VAL C 211 13.19 4.77 11.81
CA VAL C 211 11.94 4.88 12.55
C VAL C 211 10.77 5.00 11.58
N GLY C 212 9.56 4.71 12.08
CA GLY C 212 8.33 4.85 11.33
C GLY C 212 7.68 3.56 10.88
N THR C 213 8.26 2.41 11.23
CA THR C 213 7.82 1.13 10.69
C THR C 213 6.39 0.77 11.10
N GLY C 214 5.90 1.30 12.23
CA GLY C 214 4.57 0.94 12.69
C GLY C 214 3.44 1.45 11.81
N SER C 215 3.70 2.44 10.98
CA SER C 215 2.67 3.01 10.12
C SER C 215 2.73 2.47 8.70
N LEU C 216 3.34 1.31 8.51
CA LEU C 216 3.32 0.63 7.22
C LEU C 216 1.89 0.59 6.69
N GLY C 217 1.72 0.93 5.43
CA GLY C 217 0.41 0.96 4.82
C GLY C 217 -0.30 2.31 4.85
N LEU C 218 0.27 3.31 5.51
CA LEU C 218 -0.36 4.63 5.48
C LEU C 218 -0.23 5.20 4.07
N PRO C 219 -1.32 5.55 3.39
CA PRO C 219 -1.18 6.02 2.00
C PRO C 219 -0.74 7.47 1.95
N GLY C 220 0.03 7.79 0.92
CA GLY C 220 0.57 9.14 0.76
C GLY C 220 0.17 9.85 -0.51
N ASP C 221 -0.73 9.24 -1.29
CA ASP C 221 -1.28 9.83 -2.49
C ASP C 221 -2.44 10.77 -2.14
N SER C 222 -2.99 11.43 -3.14
CA SER C 222 -4.00 12.47 -2.92
C SER C 222 -5.43 12.01 -3.20
N ILE C 223 -5.66 10.74 -3.49
CA ILE C 223 -7.04 10.22 -3.57
C ILE C 223 -7.77 10.64 -2.29
N PRO C 224 -9.02 11.15 -2.37
CA PRO C 224 -9.63 11.70 -1.15
C PRO C 224 -9.70 10.73 0.02
N ALA C 225 -10.00 9.46 -0.26
CA ALA C 225 -10.05 8.47 0.81
C ALA C 225 -8.71 8.33 1.51
N ASP C 226 -7.63 8.50 0.77
CA ASP C 226 -6.31 8.29 1.35
C ASP C 226 -5.88 9.48 2.20
N ARG C 227 -6.13 10.71 1.71
CA ARG C 227 -5.89 11.88 2.54
C ARG C 227 -6.78 11.87 3.79
N PHE C 228 -8.01 11.35 3.67
CA PHE C 228 -8.87 11.26 4.85
C PHE C 228 -8.23 10.36 5.92
N VAL C 229 -7.79 9.16 5.51
CA VAL C 229 -7.16 8.24 6.46
C VAL C 229 -5.95 8.90 7.13
N LYS C 230 -5.07 9.48 6.33
CA LYS C 230 -3.85 10.04 6.90
C LYS C 230 -4.14 11.25 7.77
N ALA C 231 -5.03 12.14 7.33
CA ALA C 231 -5.35 13.31 8.14
C ALA C 231 -6.01 12.90 9.46
N ALA C 232 -6.95 11.95 9.42
CA ALA C 232 -7.55 11.45 10.65
C ALA C 232 -6.51 10.83 11.57
N TYR C 233 -5.58 10.05 11.01
CA TYR C 233 -4.56 9.39 11.81
C TYR C 233 -3.63 10.41 12.45
N LEU C 234 -3.19 11.41 11.67
CA LEU C 234 -2.30 12.42 12.23
C LEU C 234 -2.99 13.22 13.32
N ASN C 235 -4.23 13.62 13.08
CA ASN C 235 -4.93 14.42 14.08
C ASN C 235 -5.18 13.61 15.35
N ALA C 236 -5.48 12.31 15.19
CA ALA C 236 -5.74 11.46 16.35
C ALA C 236 -4.51 11.31 17.24
N ASN C 237 -3.31 11.34 16.67
CA ASN C 237 -2.10 11.07 17.43
C ASN C 237 -1.27 12.31 17.74
N TYR C 238 -1.61 13.46 17.18
CA TYR C 238 -0.86 14.69 17.45
C TYR C 238 -1.15 15.16 18.87
N PRO C 239 -0.15 15.28 19.74
CA PRO C 239 -0.41 15.68 21.13
C PRO C 239 -0.95 17.10 21.21
N ALA C 240 -1.48 17.43 22.39
CA ALA C 240 -1.92 18.79 22.63
C ALA C 240 -0.75 19.75 22.51
N ALA C 241 -1.01 20.91 21.93
CA ALA C 241 -0.03 21.99 21.87
C ALA C 241 -0.50 23.13 22.76
N LYS C 242 0.47 23.89 23.27
CA LYS C 242 0.20 25.00 24.18
C LYS C 242 0.54 26.32 23.50
N GLY C 243 -0.42 27.24 23.49
CA GLY C 243 -0.17 28.58 22.99
C GLY C 243 -0.52 28.74 21.52
N GLU C 244 -0.67 29.99 21.12
CA GLU C 244 -1.10 30.31 19.75
C GLU C 244 -0.09 29.82 18.72
N LYS C 245 1.20 30.11 18.92
CA LYS C 245 2.19 29.76 17.92
C LYS C 245 2.26 28.25 17.71
N ALA C 246 2.27 27.50 18.81
CA ALA C 246 2.42 26.04 18.71
C ALA C 246 1.18 25.40 18.11
N ASN C 247 0.00 25.94 18.40
CA ASN C 247 -1.21 25.33 17.84
C ASN C 247 -1.37 25.65 16.37
N VAL C 248 -1.05 26.88 15.96
CA VAL C 248 -1.05 27.20 14.53
C VAL C 248 -0.03 26.35 13.80
N ALA C 249 1.14 26.14 14.41
CA ALA C 249 2.18 25.33 13.78
C ALA C 249 1.71 23.88 13.63
N LYS C 250 1.17 23.31 14.71
CA LYS C 250 0.59 21.97 14.65
C LYS C 250 -0.41 21.85 13.51
N PHE C 251 -1.28 22.86 13.39
CA PHE C 251 -2.30 22.85 12.35
C PHE C 251 -1.67 22.81 10.96
N PHE C 252 -0.74 23.73 10.68
CA PHE C 252 -0.09 23.74 9.37
C PHE C 252 0.77 22.50 9.17
N ASN C 253 1.34 21.94 10.23
CA ASN C 253 2.11 20.71 10.08
C ASN C 253 1.24 19.59 9.50
N ILE C 254 0.04 19.43 10.06
CA ILE C 254 -0.86 18.37 9.59
C ILE C 254 -1.34 18.65 8.17
N LEU C 255 -1.84 19.86 7.92
CA LEU C 255 -2.42 20.14 6.61
C LEU C 255 -1.36 20.14 5.51
N LYS C 256 -0.15 20.62 5.80
CA LYS C 256 0.89 20.57 4.78
C LYS C 256 1.36 19.13 4.53
N SER C 257 1.24 18.26 5.53
CA SER C 257 1.56 16.85 5.32
C SER C 257 0.65 16.22 4.27
N VAL C 258 -0.62 16.59 4.26
CA VAL C 258 -1.60 16.01 3.34
C VAL C 258 -1.93 16.94 2.17
N ALA C 259 -1.09 17.94 1.91
CA ALA C 259 -1.30 18.80 0.78
C ALA C 259 -1.20 18.02 -0.53
N MET C 260 -1.88 18.54 -1.55
CA MET C 260 -1.83 17.99 -2.90
C MET C 260 -0.75 18.77 -3.67
N ILE C 261 0.35 18.10 -4.01
CA ILE C 261 1.57 18.80 -4.42
C ILE C 261 1.57 19.04 -5.93
N LYS C 262 1.93 20.27 -6.32
CA LYS C 262 1.84 20.66 -7.72
C LYS C 262 2.70 19.75 -8.61
N GLY C 263 2.11 19.31 -9.72
CA GLY C 263 2.76 18.39 -10.64
C GLY C 263 2.50 16.92 -10.36
N SER C 264 2.06 16.58 -9.15
CA SER C 264 1.82 15.18 -8.81
C SER C 264 0.42 14.71 -9.17
N VAL C 265 -0.49 15.62 -9.54
CA VAL C 265 -1.85 15.26 -9.95
C VAL C 265 -2.18 16.06 -11.20
N VAL C 266 -2.51 15.36 -12.28
CA VAL C 266 -2.94 15.99 -13.52
C VAL C 266 -4.32 15.43 -13.86
N ASN C 267 -5.33 16.29 -13.89
CA ASN C 267 -6.68 15.78 -14.10
C ASN C 267 -6.90 15.36 -15.55
N VAL C 268 -8.06 14.77 -15.82
CA VAL C 268 -8.34 14.26 -17.16
C VAL C 268 -8.43 15.40 -18.19
N GLN C 269 -8.62 16.64 -17.74
CA GLN C 269 -8.58 17.79 -18.64
C GLN C 269 -7.16 18.25 -18.93
N GLY C 270 -6.16 17.67 -18.27
CA GLY C 270 -4.78 18.03 -18.50
C GLY C 270 -4.22 19.13 -17.63
N LYS C 271 -4.92 19.49 -16.56
CA LYS C 271 -4.50 20.59 -15.70
C LYS C 271 -3.97 20.05 -14.37
N ASP C 272 -3.03 20.80 -13.79
CA ASP C 272 -2.52 20.46 -12.45
C ASP C 272 -3.57 20.76 -11.39
N GLU C 273 -3.83 19.79 -10.52
CA GLU C 273 -4.64 19.98 -9.32
C GLU C 273 -3.70 19.99 -8.13
N TYR C 274 -3.78 21.03 -7.30
CA TYR C 274 -2.88 21.12 -6.16
C TYR C 274 -3.45 22.05 -5.10
N THR C 275 -2.84 22.01 -3.93
CA THR C 275 -3.19 22.88 -2.79
C THR C 275 -2.72 24.29 -3.10
N VAL C 276 -3.65 25.16 -3.49
CA VAL C 276 -3.29 26.54 -3.81
C VAL C 276 -3.12 27.39 -2.55
N TYR C 277 -3.83 27.07 -1.46
CA TYR C 277 -3.60 27.73 -0.18
C TYR C 277 -3.94 26.80 0.96
N THR C 278 -3.36 27.10 2.12
CA THR C 278 -3.69 26.48 3.41
C THR C 278 -4.05 27.60 4.37
N ALA C 279 -5.19 27.50 5.04
CA ALA C 279 -5.65 28.56 5.92
C ALA C 279 -6.11 27.99 7.25
N CYS C 280 -5.91 28.78 8.30
CA CYS C 280 -6.26 28.43 9.67
C CYS C 280 -6.89 29.62 10.35
N TYR C 281 -8.07 29.43 10.93
CA TYR C 281 -8.66 30.43 11.80
C TYR C 281 -8.43 30.04 13.26
N SER C 282 -7.87 30.96 14.03
CA SER C 282 -7.74 30.82 15.49
C SER C 282 -8.85 31.62 16.15
N SER C 283 -9.80 30.93 16.77
CA SER C 283 -10.89 31.64 17.46
C SER C 283 -10.35 32.48 18.62
N GLY C 284 -9.31 32.01 19.31
CA GLY C 284 -8.79 32.74 20.45
C GLY C 284 -8.20 34.09 20.11
N SER C 285 -7.63 34.23 18.91
CA SER C 285 -7.01 35.49 18.50
C SER C 285 -7.76 36.17 17.37
N LYS C 286 -8.93 35.64 16.99
CA LYS C 286 -9.72 36.10 15.84
C LYS C 286 -8.84 36.39 14.62
N THR C 287 -7.85 35.52 14.38
CA THR C 287 -6.90 35.72 13.30
C THR C 287 -7.00 34.60 12.29
N TYR C 288 -7.05 34.96 11.02
CA TYR C 288 -7.03 34.04 9.90
C TYR C 288 -5.62 34.02 9.33
N TYR C 289 -4.96 32.86 9.39
CA TYR C 289 -3.61 32.67 8.88
C TYR C 289 -3.69 31.97 7.53
N CYS C 290 -2.84 32.37 6.59
CA CYS C 290 -2.80 31.62 5.33
C CYS C 290 -1.43 31.72 4.68
N ASN C 291 -1.13 30.71 3.89
CA ASN C 291 -0.06 30.79 2.90
C ASN C 291 -0.51 30.13 1.61
N PHE C 292 0.32 30.24 0.58
CA PHE C 292 -0.07 29.87 -0.77
C PHE C 292 1.02 29.04 -1.42
N GLU C 293 0.64 28.33 -2.48
CA GLU C 293 1.58 27.40 -3.12
C GLU C 293 2.86 28.09 -3.56
N ASP C 294 2.77 29.37 -3.97
CA ASP C 294 3.90 30.11 -4.48
C ASP C 294 4.34 31.25 -3.56
N ASP C 295 3.91 31.23 -2.30
CA ASP C 295 4.38 32.19 -1.30
C ASP C 295 4.13 31.57 0.07
N PHE C 296 5.19 31.05 0.68
CA PHE C 296 5.04 30.27 1.90
C PHE C 296 4.92 31.13 3.15
N GLU C 297 5.14 32.44 3.03
CA GLU C 297 5.04 33.33 4.19
C GLU C 297 3.65 33.24 4.79
N LEU C 298 3.60 33.07 6.12
CA LEU C 298 2.33 33.02 6.84
C LEU C 298 1.79 34.44 6.97
N LYS C 299 0.71 34.73 6.23
CA LYS C 299 0.06 36.04 6.32
C LYS C 299 -1.07 35.97 7.34
N THR C 300 -1.32 37.10 8.02
CA THR C 300 -2.35 37.14 9.05
C THR C 300 -3.34 38.27 8.77
N TYR C 301 -4.61 38.01 9.11
CA TYR C 301 -5.73 38.94 8.94
C TYR C 301 -6.64 38.77 10.14
N LYS C 302 -7.15 39.87 10.68
CA LYS C 302 -7.75 39.82 12.01
C LYS C 302 -9.11 40.53 12.02
N LEU C 303 -10.02 39.95 12.79
CA LEU C 303 -11.27 40.62 13.14
C LEU C 303 -11.00 41.44 14.40
N ASP C 304 -11.12 42.76 14.28
CA ASP C 304 -10.90 43.65 15.42
C ASP C 304 -11.94 44.76 15.34
N ASP C 305 -11.81 45.75 16.24
CA ASP C 305 -12.84 46.79 16.34
C ASP C 305 -12.92 47.62 15.06
N LYS C 306 -11.82 47.74 14.31
CA LYS C 306 -11.87 48.45 13.05
C LYS C 306 -12.54 47.61 11.96
N THR C 307 -12.05 46.39 11.74
CA THR C 307 -12.53 45.60 10.60
C THR C 307 -13.97 45.12 10.80
N MET C 308 -14.35 44.79 12.03
CA MET C 308 -15.69 44.28 12.28
C MET C 308 -16.76 45.33 12.10
N ASN C 309 -16.40 46.61 12.21
CA ASN C 309 -17.34 47.71 12.15
C ASN C 309 -17.22 48.54 10.88
N SER C 310 -16.49 48.04 9.87
CA SER C 310 -16.41 48.70 8.59
C SER C 310 -17.80 48.83 7.96
N THR C 311 -17.98 49.86 7.14
CA THR C 311 -19.20 49.99 6.35
C THR C 311 -19.11 49.26 5.01
N SER C 312 -17.93 48.81 4.63
CA SER C 312 -17.68 48.15 3.36
C SER C 312 -17.00 46.82 3.63
N LEU C 313 -17.12 45.90 2.68
CA LEU C 313 -16.29 44.71 2.69
C LEU C 313 -14.83 45.14 2.65
N ILE C 314 -14.00 44.46 3.43
CA ILE C 314 -12.55 44.62 3.38
C ILE C 314 -11.99 43.45 2.58
N THR C 315 -11.38 43.74 1.44
CA THR C 315 -10.83 42.70 0.57
C THR C 315 -9.32 42.91 0.47
N TYR C 316 -8.59 41.80 0.54
CA TYR C 316 -7.15 41.85 0.44
C TYR C 316 -6.71 41.34 -0.93
N HIS C 317 -5.39 41.33 -1.13
CA HIS C 317 -4.81 40.97 -2.42
C HIS C 317 -5.36 39.64 -2.92
N HIS C 318 -5.63 39.59 -4.22
CA HIS C 318 -6.14 38.38 -4.85
C HIS C 318 -4.99 37.50 -5.32
N HIS C 319 -5.11 36.21 -5.08
CA HIS C 319 -4.09 35.23 -5.45
C HIS C 319 -4.51 34.55 -6.75
N HIS C 320 -3.61 34.56 -7.73
CA HIS C 320 -3.89 33.96 -9.03
C HIS C 320 -2.95 32.78 -9.29
N HIS C 321 -3.44 31.85 -10.10
CA HIS C 321 -2.77 30.59 -10.36
C HIS C 321 -3.41 29.97 -11.59
N HIS C 322 -2.81 28.88 -12.07
CA HIS C 322 -3.34 28.16 -13.24
C HIS C 322 -3.48 29.04 -14.49
N CYS D 2 15.13 12.15 8.49
CA CYS D 2 15.54 13.36 7.79
C CYS D 2 15.24 13.21 6.30
N THR D 3 14.99 14.34 5.64
CA THR D 3 14.86 14.39 4.19
C THR D 3 15.65 15.58 3.69
N GLY D 4 16.59 15.35 2.80
CA GLY D 4 17.29 16.43 2.13
C GLY D 4 16.75 16.63 0.73
N LEU D 5 16.78 17.89 0.28
CA LEU D 5 16.20 18.23 -1.01
C LEU D 5 17.03 19.33 -1.65
N ARG D 6 17.26 19.21 -2.96
CA ARG D 6 17.86 20.29 -3.71
C ARG D 6 17.24 20.34 -5.10
N PHE D 7 17.13 21.57 -5.61
CA PHE D 7 16.74 21.81 -6.99
C PHE D 7 17.17 23.23 -7.33
N THR D 8 17.16 23.54 -8.62
CA THR D 8 17.48 24.89 -9.09
C THR D 8 16.33 25.45 -9.91
N ASP D 9 16.30 26.76 -10.05
CA ASP D 9 15.41 27.37 -11.02
C ASP D 9 16.08 27.42 -12.38
N GLU D 10 15.41 28.05 -13.35
CA GLU D 10 15.95 28.13 -14.71
C GLU D 10 17.09 29.13 -14.83
N GLN D 11 17.36 29.92 -13.79
CA GLN D 11 18.47 30.86 -13.80
C GLN D 11 19.68 30.36 -13.01
N GLY D 12 19.67 29.11 -12.57
CA GLY D 12 20.79 28.55 -11.85
C GLY D 12 20.83 28.85 -10.37
N ASN D 13 19.75 29.36 -9.80
CA ASN D 13 19.70 29.60 -8.36
C ASN D 13 19.36 28.30 -7.64
N LEU D 14 20.13 27.98 -6.61
CA LEU D 14 19.99 26.72 -5.89
C LEU D 14 19.10 26.91 -4.66
N TYR D 15 18.25 25.91 -4.42
CA TYR D 15 17.43 25.81 -3.21
C TYR D 15 17.71 24.45 -2.58
N PHE D 16 18.28 24.46 -1.38
CA PHE D 16 18.91 23.27 -0.82
C PHE D 16 18.74 23.29 0.69
N GLY D 17 18.26 22.19 1.26
CA GLY D 17 18.04 22.14 2.68
C GLY D 17 17.48 20.80 3.10
N ARG D 18 16.80 20.78 4.25
CA ARG D 18 16.45 19.50 4.83
C ARG D 18 15.39 19.65 5.92
N ASN D 19 14.68 18.55 6.16
CA ASN D 19 14.00 18.30 7.43
C ASN D 19 14.97 17.60 8.36
N LEU D 20 15.00 18.01 9.62
CA LEU D 20 15.68 17.28 10.67
C LEU D 20 14.64 16.51 11.47
N ASP D 21 14.71 15.18 11.42
CA ASP D 21 13.74 14.30 12.09
C ASP D 21 14.50 13.59 13.22
N VAL D 22 14.17 13.93 14.46
CA VAL D 22 14.90 13.43 15.62
C VAL D 22 13.92 13.18 16.76
N GLY D 23 14.41 12.46 17.77
CA GLY D 23 13.62 12.08 18.92
C GLY D 23 14.14 12.65 20.22
N GLN D 24 14.90 13.74 20.13
CA GLN D 24 15.38 14.42 21.32
C GLN D 24 15.73 15.85 20.93
N ASP D 25 15.77 16.72 21.94
CA ASP D 25 16.12 18.12 21.71
C ASP D 25 17.63 18.28 21.76
N TYR D 26 18.19 18.89 20.73
CA TYR D 26 19.61 19.19 20.67
C TYR D 26 19.92 20.62 21.04
N GLY D 27 18.91 21.43 21.33
CA GLY D 27 19.12 22.85 21.58
C GLY D 27 19.74 23.55 20.39
N GLU D 28 19.28 23.21 19.19
CA GLU D 28 19.90 23.71 17.98
C GLU D 28 19.42 25.13 17.68
N GLY D 29 20.19 25.83 16.85
CA GLY D 29 19.85 27.16 16.41
C GLY D 29 20.62 27.47 15.14
N VAL D 30 20.32 28.62 14.57
CA VAL D 30 21.02 29.08 13.36
C VAL D 30 22.36 29.69 13.77
N ILE D 31 23.44 29.20 13.19
CA ILE D 31 24.78 29.66 13.49
C ILE D 31 25.39 30.28 12.24
N ILE D 32 25.87 31.50 12.35
CA ILE D 32 26.71 32.10 11.32
C ILE D 32 28.17 32.03 11.78
N THR D 33 28.98 31.32 11.01
CA THR D 33 30.41 31.27 11.24
C THR D 33 31.06 32.25 10.29
N PRO D 34 31.69 33.32 10.78
CA PRO D 34 32.26 34.33 9.88
C PRO D 34 33.61 33.88 9.35
N ARG D 35 34.14 34.70 8.43
CA ARG D 35 35.49 34.50 7.93
C ARG D 35 36.52 34.71 9.03
N HIS D 36 37.68 34.06 8.88
CA HIS D 36 38.81 34.23 9.81
C HIS D 36 38.49 33.73 11.22
N TYR D 37 37.60 32.74 11.31
CA TYR D 37 37.30 32.18 12.61
C TYR D 37 38.18 30.95 12.86
N PRO D 38 38.65 30.74 14.09
CA PRO D 38 39.53 29.59 14.35
C PRO D 38 38.87 28.26 13.99
N LEU D 39 39.63 27.40 13.34
CA LEU D 39 39.12 26.12 12.84
C LEU D 39 40.12 25.00 13.11
N PRO D 40 39.97 24.32 14.26
CA PRO D 40 40.86 23.20 14.56
C PRO D 40 40.49 21.94 13.80
N TYR D 41 41.49 21.08 13.59
CA TYR D 41 41.31 19.78 12.97
C TYR D 41 42.01 18.73 13.81
N LYS D 42 41.33 17.61 14.07
CA LYS D 42 41.92 16.54 14.88
C LYS D 42 43.16 15.96 14.21
N PHE D 43 43.14 15.86 12.88
CA PHE D 43 44.20 15.16 12.16
C PHE D 43 44.81 16.01 11.06
N LEU D 44 44.61 17.33 11.11
CA LEU D 44 45.21 18.25 10.16
C LEU D 44 45.68 19.48 10.92
N ASP D 45 46.45 20.33 10.24
CA ASP D 45 46.88 21.57 10.87
C ASP D 45 45.68 22.46 11.13
N ASN D 46 45.57 22.93 12.37
CA ASN D 46 44.54 23.89 12.71
C ASN D 46 44.72 25.15 11.86
N THR D 47 43.61 25.81 11.55
CA THR D 47 43.63 26.94 10.64
C THR D 47 42.51 27.90 11.03
N THR D 48 42.11 28.76 10.11
CA THR D 48 40.98 29.64 10.29
C THR D 48 40.05 29.51 9.08
N THR D 49 38.78 29.88 9.28
CA THR D 49 37.85 29.85 8.17
C THR D 49 38.23 30.89 7.13
N LYS D 50 38.10 30.52 5.85
CA LYS D 50 38.26 31.46 4.76
C LYS D 50 36.93 31.90 4.16
N LYS D 51 35.86 31.14 4.39
CA LYS D 51 34.53 31.48 3.89
C LYS D 51 33.54 31.58 5.04
N ALA D 52 32.59 32.48 4.90
CA ALA D 52 31.49 32.54 5.86
C ALA D 52 30.51 31.40 5.56
N VAL D 53 29.87 30.91 6.62
CA VAL D 53 28.98 29.75 6.53
C VAL D 53 27.75 30.03 7.39
N ILE D 54 26.58 29.61 6.91
CA ILE D 54 25.35 29.71 7.68
C ILE D 54 24.70 28.33 7.71
N GLY D 55 23.91 28.06 8.74
CA GLY D 55 23.22 26.80 8.83
C GLY D 55 22.69 26.57 10.23
N MET D 56 22.29 25.32 10.49
CA MET D 56 21.74 24.94 11.79
C MET D 56 22.69 24.01 12.52
N GLY D 57 22.89 24.26 13.82
CA GLY D 57 23.74 23.38 14.60
C GLY D 57 23.82 23.80 16.05
N ILE D 58 24.86 23.31 16.71
CA ILE D 58 25.17 23.66 18.10
C ILE D 58 26.63 24.06 18.16
N VAL D 59 26.97 24.85 19.18
CA VAL D 59 28.35 25.28 19.43
C VAL D 59 28.91 24.43 20.56
N VAL D 60 30.06 23.82 20.32
CA VAL D 60 30.71 22.94 21.29
C VAL D 60 32.13 23.43 21.50
N ASP D 61 32.38 24.07 22.65
CA ASP D 61 33.69 24.64 22.97
C ASP D 61 34.17 25.57 21.86
N GLY D 62 33.28 26.45 21.42
CA GLY D 62 33.58 27.37 20.35
C GLY D 62 33.64 26.77 18.96
N TYR D 63 33.33 25.47 18.80
CA TYR D 63 33.28 24.87 17.47
C TYR D 63 31.84 24.81 17.00
N PRO D 64 31.50 25.38 15.86
CA PRO D 64 30.13 25.26 15.35
C PRO D 64 29.94 23.92 14.66
N SER D 65 29.13 23.06 15.27
CA SER D 65 28.86 21.71 14.76
C SER D 65 27.51 21.75 14.07
N TYR D 66 27.53 21.66 12.74
CA TYR D 66 26.36 21.92 11.92
C TYR D 66 25.65 20.61 11.58
N PHE D 67 24.31 20.64 11.65
CA PHE D 67 23.49 19.60 11.03
C PHE D 67 23.46 19.75 9.52
N ASP D 68 23.45 20.99 9.05
CA ASP D 68 23.54 21.33 7.65
C ASP D 68 24.04 22.76 7.56
N CYS D 69 24.89 23.04 6.58
CA CYS D 69 25.44 24.38 6.46
C CYS D 69 25.89 24.63 5.03
N TYR D 70 26.08 25.92 4.70
CA TYR D 70 26.14 26.42 3.33
C TYR D 70 27.12 27.60 3.34
N ASN D 71 28.05 27.62 2.39
CA ASN D 71 29.01 28.71 2.39
C ASN D 71 28.52 29.88 1.52
N GLU D 72 29.23 31.01 1.64
CA GLU D 72 28.86 32.21 0.92
C GLU D 72 28.99 32.06 -0.60
N ASP D 73 29.65 31.01 -1.07
CA ASP D 73 29.77 30.77 -2.50
C ASP D 73 28.69 29.83 -3.05
N GLY D 74 27.75 29.39 -2.22
CA GLY D 74 26.66 28.57 -2.72
C GLY D 74 26.88 27.08 -2.71
N LEU D 75 27.89 26.59 -1.97
CA LEU D 75 28.13 25.16 -1.82
C LEU D 75 27.71 24.76 -0.41
N GLY D 76 26.92 23.69 -0.29
CA GLY D 76 26.40 23.28 0.99
C GLY D 76 26.49 21.78 1.20
N ILE D 77 26.20 21.39 2.44
CA ILE D 77 26.25 20.00 2.85
C ILE D 77 25.26 19.80 3.99
N ALA D 78 24.56 18.67 3.96
CA ALA D 78 23.65 18.29 5.04
C ALA D 78 24.00 16.89 5.49
N GLY D 79 24.13 16.71 6.81
CA GLY D 79 24.34 15.40 7.40
C GLY D 79 23.04 14.84 7.93
N LEU D 80 22.68 13.66 7.45
CA LEU D 80 21.42 13.00 7.74
C LEU D 80 21.70 11.64 8.40
N ASN D 81 20.80 11.22 9.29
CA ASN D 81 21.01 9.98 10.04
C ASN D 81 21.14 8.79 9.10
N PHE D 82 22.07 7.90 9.43
CA PHE D 82 22.39 6.74 8.60
C PHE D 82 22.68 5.54 9.52
N PRO D 83 21.74 5.21 10.41
CA PRO D 83 22.02 4.15 11.39
C PRO D 83 22.03 2.78 10.74
N HIS D 84 22.66 1.83 11.44
CA HIS D 84 22.85 0.46 10.97
C HIS D 84 23.68 0.38 9.70
N PHE D 85 24.39 1.45 9.34
CA PHE D 85 25.14 1.48 8.09
C PHE D 85 26.43 2.28 8.24
N ALA D 86 26.32 3.49 8.78
CA ALA D 86 27.50 4.35 8.88
C ALA D 86 28.59 3.67 9.71
N LYS D 87 29.81 3.67 9.17
CA LYS D 87 30.95 3.12 9.89
C LYS D 87 32.18 3.86 9.44
N PHE D 88 32.90 4.43 10.39
CA PHE D 88 34.10 5.21 10.07
C PHE D 88 35.33 4.50 10.65
N SER D 89 36.51 4.92 10.16
CA SER D 89 37.75 4.25 10.52
C SER D 89 38.02 4.38 12.02
N ASP D 90 38.79 3.41 12.55
CA ASP D 90 39.10 3.44 13.97
C ASP D 90 40.09 4.54 14.32
N GLY D 91 41.00 4.85 13.40
CA GLY D 91 41.91 5.96 13.56
C GLY D 91 42.33 6.50 12.22
N PRO D 92 43.16 7.54 12.22
CA PRO D 92 43.65 8.10 10.95
C PRO D 92 44.48 7.07 10.19
N ILE D 93 44.53 7.24 8.88
CA ILE D 93 45.25 6.35 7.98
C ILE D 93 46.29 7.17 7.23
N ASP D 94 47.56 6.78 7.38
CA ASP D 94 48.65 7.55 6.80
C ASP D 94 48.46 7.73 5.30
N GLY D 95 48.74 8.95 4.82
CA GLY D 95 48.63 9.26 3.41
C GLY D 95 47.28 9.81 2.99
N LYS D 96 46.26 9.69 3.84
CA LYS D 96 44.94 10.20 3.56
C LYS D 96 44.75 11.55 4.23
N ILE D 97 43.84 12.35 3.68
CA ILE D 97 43.30 13.49 4.41
C ILE D 97 42.34 12.92 5.44
N ASN D 98 42.74 12.93 6.71
CA ASN D 98 41.96 12.30 7.76
C ASN D 98 41.06 13.33 8.41
N LEU D 99 39.76 13.03 8.44
CA LEU D 99 38.76 13.89 9.07
C LEU D 99 37.95 13.04 10.04
N ALA D 100 37.82 13.53 11.27
CA ALA D 100 36.74 13.03 12.11
C ALA D 100 35.44 13.32 11.38
N SER D 101 34.48 12.40 11.46
CA SER D 101 33.29 12.52 10.62
C SER D 101 32.59 13.86 10.82
N TYR D 102 32.53 14.36 12.04
CA TYR D 102 31.89 15.66 12.25
C TYR D 102 32.62 16.79 11.54
N GLU D 103 33.89 16.61 11.17
CA GLU D 103 34.66 17.68 10.55
C GLU D 103 34.36 17.85 9.07
N ILE D 104 33.62 16.93 8.47
CA ILE D 104 33.37 17.05 7.04
C ILE D 104 32.55 18.30 6.71
N MET D 105 31.69 18.73 7.63
CA MET D 105 30.79 19.85 7.35
C MET D 105 31.58 21.11 7.02
N LEU D 106 32.53 21.47 7.89
CA LEU D 106 33.32 22.68 7.62
C LEU D 106 34.45 22.42 6.63
N TRP D 107 34.97 21.20 6.56
CA TRP D 107 36.00 20.91 5.56
C TRP D 107 35.46 21.15 4.15
N VAL D 108 34.25 20.68 3.88
CA VAL D 108 33.65 20.88 2.56
C VAL D 108 33.38 22.35 2.30
N THR D 109 32.73 23.02 3.25
CA THR D 109 32.30 24.39 3.03
C THR D 109 33.43 25.41 3.13
N GLN D 110 34.56 25.05 3.74
CA GLN D 110 35.65 26.02 3.84
C GLN D 110 36.61 25.94 2.67
N ASN D 111 36.79 24.77 2.07
CA ASN D 111 37.86 24.56 1.12
C ASN D 111 37.42 24.53 -0.35
N PHE D 112 36.12 24.54 -0.63
CA PHE D 112 35.67 24.35 -1.99
C PHE D 112 34.49 25.26 -2.30
N THR D 113 34.29 25.50 -3.60
CA THR D 113 33.12 26.19 -4.11
C THR D 113 32.28 25.34 -5.05
N HIS D 114 32.84 24.26 -5.62
CA HIS D 114 32.12 23.42 -6.56
C HIS D 114 32.20 21.96 -6.13
N VAL D 115 31.10 21.23 -6.37
CA VAL D 115 31.05 19.80 -6.07
C VAL D 115 32.13 19.05 -6.85
N SER D 116 32.43 19.51 -8.07
CA SER D 116 33.49 18.87 -8.86
C SER D 116 34.79 18.82 -8.08
N GLU D 117 35.17 19.92 -7.43
CA GLU D 117 36.38 19.93 -6.61
C GLU D 117 36.25 18.99 -5.43
N VAL D 118 35.07 18.95 -4.81
CA VAL D 118 34.86 18.08 -3.65
C VAL D 118 35.01 16.62 -4.05
N LYS D 119 34.44 16.24 -5.19
CA LYS D 119 34.49 14.85 -5.65
C LYS D 119 35.93 14.39 -5.81
N GLU D 120 36.78 15.25 -6.38
CA GLU D 120 38.18 14.88 -6.58
C GLU D 120 38.92 14.77 -5.25
N ALA D 121 38.71 15.74 -4.37
CA ALA D 121 39.40 15.72 -3.08
C ALA D 121 38.95 14.56 -2.21
N LEU D 122 37.68 14.13 -2.34
CA LEU D 122 37.21 13.02 -1.52
C LEU D 122 37.92 11.72 -1.84
N LYS D 123 38.53 11.62 -3.02
CA LYS D 123 39.23 10.39 -3.39
C LYS D 123 40.39 10.06 -2.47
N ASN D 124 40.84 11.02 -1.66
CA ASN D 124 41.88 10.76 -0.67
C ASN D 124 41.46 11.14 0.74
N VAL D 125 40.17 11.20 1.03
CA VAL D 125 39.67 11.50 2.36
C VAL D 125 39.37 10.20 3.08
N ASN D 126 39.73 10.12 4.35
CA ASN D 126 39.35 9.03 5.22
C ASN D 126 38.59 9.61 6.41
N LEU D 127 37.36 9.16 6.61
CA LEU D 127 36.56 9.61 7.74
C LEU D 127 36.84 8.71 8.94
N VAL D 128 37.00 9.34 10.11
CA VAL D 128 37.48 8.67 11.30
C VAL D 128 36.40 8.66 12.37
N ASN D 129 36.28 7.53 13.07
CA ASN D 129 35.31 7.37 14.15
C ASN D 129 35.82 8.06 15.42
N GLU D 130 35.78 9.39 15.38
CA GLU D 130 36.29 10.21 16.48
C GLU D 130 35.28 11.31 16.76
N ALA D 131 34.77 11.36 17.98
CA ALA D 131 33.80 12.39 18.33
C ALA D 131 34.50 13.73 18.56
N ILE D 132 33.68 14.77 18.69
CA ILE D 132 34.22 16.11 18.94
C ILE D 132 34.93 16.16 20.28
N ASN D 133 34.35 15.52 21.30
CA ASN D 133 35.05 15.27 22.56
C ASN D 133 34.39 14.08 23.24
N SER D 134 35.03 13.61 24.31
CA SER D 134 34.59 12.42 25.04
C SER D 134 33.15 12.49 25.50
N SER D 135 32.54 13.67 25.52
CA SER D 135 31.18 13.83 26.03
C SER D 135 30.11 13.61 24.97
N PHE D 136 30.49 13.29 23.74
CA PHE D 136 29.54 13.09 22.65
C PHE D 136 29.80 11.76 21.97
N ALA D 137 28.74 11.13 21.48
CA ALA D 137 28.88 9.97 20.64
C ALA D 137 29.11 10.41 19.19
N VAL D 138 29.73 9.52 18.41
CA VAL D 138 29.90 9.76 16.98
C VAL D 138 28.57 9.50 16.30
N ALA D 139 28.05 10.50 15.59
CA ALA D 139 26.75 10.36 14.95
C ALA D 139 26.88 9.50 13.70
N PRO D 140 26.05 8.48 13.54
CA PRO D 140 26.08 7.71 12.29
C PRO D 140 25.39 8.51 11.19
N LEU D 141 26.18 9.12 10.31
CA LEU D 141 25.64 10.04 9.32
C LEU D 141 26.07 9.63 7.92
N HIS D 142 25.26 10.06 6.95
CA HIS D 142 25.68 10.21 5.57
C HIS D 142 25.30 11.62 5.11
N TRP D 143 25.79 12.01 3.94
CA TRP D 143 25.76 13.41 3.56
C TRP D 143 25.26 13.58 2.13
N ILE D 144 24.57 14.70 1.92
CA ILE D 144 24.29 15.21 0.59
C ILE D 144 24.99 16.54 0.44
N ILE D 145 25.72 16.70 -0.66
CA ILE D 145 26.50 17.91 -0.92
C ILE D 145 26.05 18.46 -2.25
N SER D 146 25.84 19.77 -2.32
CA SER D 146 25.27 20.32 -3.54
C SER D 146 25.79 21.73 -3.80
N ASP D 147 25.98 22.04 -5.08
CA ASP D 147 26.06 23.41 -5.57
C ASP D 147 24.96 23.64 -6.58
N SER D 148 25.09 24.67 -7.42
CA SER D 148 24.03 24.96 -8.39
C SER D 148 24.08 24.02 -9.58
N ASP D 149 25.18 23.30 -9.77
CA ASP D 149 25.37 22.44 -10.93
C ASP D 149 25.02 20.99 -10.68
N GLU D 150 25.29 20.46 -9.49
CA GLU D 150 25.10 19.04 -9.25
C GLU D 150 25.14 18.77 -7.76
N ALA D 151 24.68 17.58 -7.40
CA ALA D 151 24.73 17.11 -6.02
C ALA D 151 25.35 15.72 -5.97
N ILE D 152 26.04 15.43 -4.87
CA ILE D 152 26.57 14.10 -4.62
C ILE D 152 26.11 13.60 -3.25
N ILE D 153 26.08 12.28 -3.12
CA ILE D 153 25.82 11.62 -1.86
C ILE D 153 27.11 10.95 -1.41
N VAL D 154 27.46 11.13 -0.14
CA VAL D 154 28.65 10.51 0.44
C VAL D 154 28.20 9.56 1.53
N GLU D 155 28.58 8.28 1.39
CA GLU D 155 28.27 7.26 2.39
C GLU D 155 29.53 6.44 2.67
N VAL D 156 29.81 6.22 3.94
CA VAL D 156 30.89 5.32 4.36
C VAL D 156 30.25 4.25 5.24
N SER D 157 30.26 3.01 4.77
CA SER D 157 29.59 1.92 5.46
C SER D 157 30.55 0.76 5.66
N LYS D 158 30.21 -0.07 6.64
CA LYS D 158 30.87 -1.36 6.76
C LYS D 158 30.65 -2.23 5.53
N GLN D 159 29.47 -2.12 4.91
CA GLN D 159 29.12 -3.00 3.80
C GLN D 159 29.86 -2.61 2.52
N TYR D 160 30.02 -1.31 2.26
CA TYR D 160 30.52 -0.85 0.96
C TYR D 160 31.73 0.08 1.03
N GLY D 161 32.23 0.40 2.21
CA GLY D 161 33.31 1.38 2.27
C GLY D 161 32.82 2.77 1.91
N MET D 162 33.72 3.61 1.43
CA MET D 162 33.35 4.97 1.03
C MET D 162 32.80 4.95 -0.39
N LYS D 163 31.60 5.49 -0.56
CA LYS D 163 30.96 5.59 -1.86
C LYS D 163 30.52 7.03 -2.08
N VAL D 164 30.67 7.50 -3.31
CA VAL D 164 30.23 8.83 -3.73
C VAL D 164 29.35 8.64 -4.96
N PHE D 165 28.11 9.14 -4.88
CA PHE D 165 27.12 8.97 -5.95
C PHE D 165 26.71 10.32 -6.49
N GLU D 166 26.46 10.38 -7.79
CA GLU D 166 25.67 11.48 -8.35
C GLU D 166 24.22 11.34 -7.88
N ASP D 167 23.58 12.47 -7.57
CA ASP D 167 22.21 12.47 -7.05
C ASP D 167 21.33 13.35 -7.92
N LYS D 168 21.05 12.88 -9.15
CA LYS D 168 20.19 13.60 -10.06
C LYS D 168 18.77 13.75 -9.53
N LEU D 169 18.34 12.84 -8.65
CA LEU D 169 17.00 12.92 -8.08
C LEU D 169 16.84 14.11 -7.15
N GLY D 170 17.93 14.60 -6.57
CA GLY D 170 17.86 15.74 -5.68
C GLY D 170 17.41 15.45 -4.27
N VAL D 171 17.35 14.18 -3.84
CA VAL D 171 16.83 13.85 -2.52
C VAL D 171 17.74 12.85 -1.82
N LEU D 172 17.59 12.80 -0.50
CA LEU D 172 18.24 11.82 0.35
C LEU D 172 17.39 11.69 1.59
N THR D 173 17.29 10.46 2.15
CA THR D 173 16.65 10.28 3.44
C THR D 173 17.63 9.59 4.38
N ASN D 174 17.27 8.42 4.91
CA ASN D 174 18.09 7.70 5.87
C ASN D 174 18.36 6.29 5.36
N SER D 175 18.51 5.32 6.24
CA SER D 175 19.02 4.01 5.82
C SER D 175 17.91 3.22 5.09
N PRO D 176 18.29 2.27 4.21
CA PRO D 176 19.65 1.80 3.89
C PRO D 176 20.41 2.69 2.91
N ASP D 177 21.38 2.10 2.21
CA ASP D 177 22.31 2.85 1.39
C ASP D 177 21.63 3.43 0.15
N PHE D 178 22.32 4.39 -0.47
CA PHE D 178 21.72 5.16 -1.55
C PHE D 178 21.40 4.30 -2.76
N ASN D 179 22.29 3.37 -3.13
CA ASN D 179 21.98 2.51 -4.26
C ASN D 179 20.75 1.64 -3.98
N TRP D 180 20.55 1.20 -2.74
CA TRP D 180 19.34 0.48 -2.40
C TRP D 180 18.09 1.31 -2.74
N HIS D 181 18.09 2.59 -2.32
CA HIS D 181 16.94 3.46 -2.60
C HIS D 181 16.74 3.70 -4.08
N LEU D 182 17.83 3.99 -4.82
CA LEU D 182 17.73 4.17 -6.26
C LEU D 182 17.09 2.95 -6.92
N THR D 183 17.53 1.76 -6.51
CA THR D 183 16.97 0.54 -7.06
C THR D 183 15.49 0.38 -6.70
N ASN D 184 15.10 0.85 -5.52
CA ASN D 184 13.71 0.72 -5.10
C ASN D 184 12.77 1.49 -6.02
N LEU D 185 13.23 2.61 -6.60
CA LEU D 185 12.32 3.42 -7.43
C LEU D 185 11.74 2.64 -8.60
N GLY D 186 12.48 1.67 -9.14
CA GLY D 186 11.95 0.87 -10.24
C GLY D 186 10.68 0.12 -9.90
N ASN D 187 10.44 -0.14 -8.61
CA ASN D 187 9.25 -0.83 -8.15
C ASN D 187 8.05 0.11 -8.04
N TYR D 188 8.25 1.40 -8.27
CA TYR D 188 7.18 2.39 -8.21
C TYR D 188 6.94 3.04 -9.57
N THR D 189 7.39 2.41 -10.64
CA THR D 189 7.16 2.94 -11.99
C THR D 189 5.69 2.94 -12.37
N GLY D 190 4.84 2.25 -11.62
CA GLY D 190 3.41 2.31 -11.87
C GLY D 190 2.77 3.62 -11.47
N LEU D 191 3.47 4.44 -10.69
CA LEU D 191 2.95 5.76 -10.32
C LEU D 191 2.85 6.64 -11.56
N ASN D 192 1.76 7.42 -11.64
CA ASN D 192 1.56 8.31 -12.76
C ASN D 192 0.80 9.53 -12.26
N PRO D 193 1.29 10.75 -12.47
CA PRO D 193 0.49 11.92 -12.05
C PRO D 193 -0.87 12.01 -12.71
N HIS D 194 -1.03 11.44 -13.90
CA HIS D 194 -2.29 11.56 -14.64
C HIS D 194 -3.37 10.72 -13.97
N ASP D 195 -4.54 11.33 -13.78
CA ASP D 195 -5.66 10.66 -13.16
C ASP D 195 -6.17 9.52 -14.06
N ALA D 196 -6.72 8.50 -13.42
CA ALA D 196 -7.42 7.44 -14.13
C ALA D 196 -8.80 7.93 -14.60
N THR D 197 -9.44 7.12 -15.44
CA THR D 197 -10.75 7.43 -15.99
C THR D 197 -11.73 6.31 -15.63
N ALA D 198 -13.00 6.56 -15.94
CA ALA D 198 -14.04 5.57 -15.64
C ALA D 198 -13.75 4.26 -16.36
N GLN D 199 -14.04 3.15 -15.70
CA GLN D 199 -13.74 1.82 -16.20
C GLN D 199 -14.95 0.92 -16.02
N SER D 200 -14.89 -0.26 -16.64
CA SER D 200 -15.91 -1.29 -16.49
C SER D 200 -15.23 -2.55 -15.99
N TRP D 201 -15.58 -2.98 -14.78
CA TRP D 201 -15.05 -4.22 -14.21
C TRP D 201 -16.16 -5.25 -14.34
N ASN D 202 -16.03 -6.15 -15.32
CA ASN D 202 -17.05 -7.17 -15.58
C ASN D 202 -18.42 -6.54 -15.78
N GLY D 203 -18.48 -5.36 -16.40
CA GLY D 203 -19.74 -4.68 -16.60
C GLY D 203 -20.15 -3.74 -15.48
N GLN D 204 -19.48 -3.79 -14.33
CA GLN D 204 -19.76 -2.86 -13.25
C GLN D 204 -19.00 -1.56 -13.50
N LYS D 205 -19.72 -0.45 -13.56
CA LYS D 205 -19.07 0.84 -13.73
C LYS D 205 -18.27 1.17 -12.48
N VAL D 206 -16.98 1.45 -12.66
CA VAL D 206 -16.07 1.83 -11.58
C VAL D 206 -15.37 3.11 -12.01
N ALA D 207 -15.54 4.18 -11.24
CA ALA D 207 -14.98 5.47 -11.66
C ALA D 207 -14.34 6.16 -10.48
N PRO D 208 -13.34 7.01 -10.72
CA PRO D 208 -12.71 7.75 -9.62
C PRO D 208 -13.72 8.60 -8.87
N TRP D 209 -13.50 8.76 -7.56
CA TRP D 209 -14.31 9.67 -6.75
C TRP D 209 -13.71 11.06 -6.65
N GLY D 210 -12.41 11.19 -6.92
CA GLY D 210 -11.77 12.48 -6.94
C GLY D 210 -10.44 12.34 -7.63
N VAL D 211 -9.71 13.45 -7.70
CA VAL D 211 -8.43 13.45 -8.41
C VAL D 211 -7.37 12.76 -7.58
N GLY D 212 -6.27 12.38 -8.25
CA GLY D 212 -5.14 11.75 -7.59
C GLY D 212 -5.01 10.26 -7.80
N THR D 213 -5.88 9.65 -8.62
CA THR D 213 -5.94 8.18 -8.70
C THR D 213 -4.69 7.54 -9.33
N GLY D 214 -3.92 8.29 -10.13
CA GLY D 214 -2.76 7.70 -10.77
C GLY D 214 -1.62 7.37 -9.84
N SER D 215 -1.60 7.97 -8.65
CA SER D 215 -0.52 7.74 -7.70
C SER D 215 -0.89 6.73 -6.62
N LEU D 216 -1.91 5.89 -6.88
CA LEU D 216 -2.18 4.72 -6.06
C LEU D 216 -0.88 3.99 -5.70
N GLY D 217 -0.70 3.70 -4.42
CA GLY D 217 0.48 3.00 -3.96
C GLY D 217 1.61 3.88 -3.49
N LEU D 218 1.49 5.19 -3.65
CA LEU D 218 2.49 6.09 -3.10
C LEU D 218 2.45 6.01 -1.58
N PRO D 219 3.55 5.67 -0.91
CA PRO D 219 3.50 5.51 0.56
C PRO D 219 3.54 6.85 1.26
N GLY D 220 2.84 6.91 2.39
CA GLY D 220 2.75 8.13 3.17
C GLY D 220 3.27 8.06 4.59
N ASP D 221 3.84 6.92 4.95
CA ASP D 221 4.47 6.75 6.25
C ASP D 221 5.89 7.31 6.22
N SER D 222 6.57 7.24 7.36
CA SER D 222 7.86 7.88 7.53
C SER D 222 9.05 6.92 7.47
N ILE D 223 8.84 5.66 7.10
CA ILE D 223 9.96 4.73 6.89
C ILE D 223 10.90 5.40 5.88
N PRO D 224 12.22 5.38 6.09
CA PRO D 224 13.10 6.14 5.17
C PRO D 224 12.92 5.79 3.70
N ALA D 225 12.80 4.50 3.38
CA ALA D 225 12.58 4.10 1.99
C ALA D 225 11.33 4.77 1.42
N ASP D 226 10.30 4.95 2.25
CA ASP D 226 9.04 5.47 1.75
C ASP D 226 9.08 7.00 1.56
N ARG D 227 9.69 7.72 2.50
CA ARG D 227 9.94 9.13 2.27
C ARG D 227 10.83 9.35 1.05
N PHE D 228 11.80 8.46 0.82
CA PHE D 228 12.65 8.61 -0.35
C PHE D 228 11.84 8.52 -1.63
N VAL D 229 11.00 7.49 -1.75
CA VAL D 229 10.18 7.35 -2.95
C VAL D 229 9.33 8.59 -3.15
N LYS D 230 8.63 9.03 -2.10
CA LYS D 230 7.71 10.14 -2.27
C LYS D 230 8.45 11.45 -2.56
N ALA D 231 9.52 11.73 -1.81
CA ALA D 231 10.27 12.95 -2.10
C ALA D 231 10.82 12.94 -3.51
N ALA D 232 11.37 11.79 -3.95
CA ALA D 232 11.90 11.71 -5.31
C ALA D 232 10.81 11.94 -6.35
N TYR D 233 9.63 11.34 -6.14
CA TYR D 233 8.52 11.48 -7.07
C TYR D 233 8.02 12.92 -7.11
N LEU D 234 7.91 13.57 -5.95
CA LEU D 234 7.43 14.95 -5.91
C LEU D 234 8.42 15.89 -6.58
N ASN D 235 9.71 15.72 -6.30
CA ASN D 235 10.71 16.58 -6.93
C ASN D 235 10.76 16.34 -8.44
N ALA D 236 10.58 15.09 -8.87
CA ALA D 236 10.66 14.80 -10.30
C ALA D 236 9.53 15.47 -11.08
N ASN D 237 8.36 15.64 -10.45
CA ASN D 237 7.18 16.12 -11.15
C ASN D 237 6.82 17.56 -10.83
N TYR D 238 7.46 18.19 -9.85
CA TYR D 238 7.15 19.60 -9.52
C TYR D 238 7.72 20.50 -10.62
N PRO D 239 6.91 21.28 -11.33
CA PRO D 239 7.45 22.13 -12.40
C PRO D 239 8.37 23.21 -11.87
N ALA D 240 9.10 23.82 -12.81
CA ALA D 240 10.00 24.91 -12.44
C ALA D 240 9.19 26.06 -11.85
N ALA D 241 9.76 26.71 -10.84
CA ALA D 241 9.18 27.88 -10.20
C ALA D 241 10.05 29.09 -10.52
N LYS D 242 9.43 30.27 -10.53
CA LYS D 242 10.11 31.50 -10.94
C LYS D 242 10.16 32.47 -9.77
N GLY D 243 11.37 32.89 -9.39
CA GLY D 243 11.56 33.88 -8.36
C GLY D 243 11.81 33.26 -7.00
N GLU D 244 12.35 34.08 -6.09
CA GLU D 244 12.74 33.59 -4.77
C GLU D 244 11.54 33.08 -3.99
N LYS D 245 10.47 33.88 -3.88
CA LYS D 245 9.31 33.47 -3.10
C LYS D 245 8.75 32.13 -3.58
N ALA D 246 8.55 31.99 -4.89
CA ALA D 246 7.94 30.78 -5.42
C ALA D 246 8.85 29.57 -5.25
N ASN D 247 10.16 29.76 -5.38
CA ASN D 247 11.06 28.62 -5.22
C ASN D 247 11.16 28.18 -3.77
N VAL D 248 11.27 29.14 -2.83
CA VAL D 248 11.25 28.79 -1.42
C VAL D 248 9.96 28.07 -1.07
N ALA D 249 8.83 28.55 -1.60
CA ALA D 249 7.55 27.92 -1.30
C ALA D 249 7.50 26.50 -1.85
N LYS D 250 7.92 26.32 -3.11
CA LYS D 250 8.01 24.98 -3.71
C LYS D 250 8.84 24.05 -2.83
N PHE D 251 10.01 24.53 -2.40
CA PHE D 251 10.87 23.73 -1.52
C PHE D 251 10.14 23.32 -0.26
N PHE D 252 9.52 24.28 0.44
CA PHE D 252 8.81 23.97 1.68
C PHE D 252 7.57 23.12 1.42
N ASN D 253 6.91 23.31 0.27
CA ASN D 253 5.77 22.45 -0.08
C ASN D 253 6.20 20.98 -0.14
N ILE D 254 7.34 20.71 -0.77
CA ILE D 254 7.80 19.33 -0.91
C ILE D 254 8.23 18.76 0.45
N LEU D 255 9.09 19.49 1.16
CA LEU D 255 9.58 18.95 2.42
C LEU D 255 8.49 18.84 3.49
N LYS D 256 7.53 19.76 3.52
CA LYS D 256 6.47 19.60 4.51
C LYS D 256 5.56 18.44 4.17
N SER D 257 5.47 18.08 2.89
CA SER D 257 4.67 16.93 2.47
C SER D 257 5.24 15.63 3.06
N VAL D 258 6.57 15.53 3.12
CA VAL D 258 7.23 14.33 3.62
C VAL D 258 7.75 14.50 5.06
N ALA D 259 7.24 15.50 5.78
CA ALA D 259 7.64 15.67 7.16
C ALA D 259 7.18 14.50 8.01
N MET D 260 7.92 14.24 9.09
CA MET D 260 7.57 13.23 10.07
C MET D 260 6.77 13.94 11.16
N ILE D 261 5.50 13.56 11.33
CA ILE D 261 4.55 14.36 12.08
C ILE D 261 4.54 13.93 13.54
N LYS D 262 4.60 14.91 14.45
CA LYS D 262 4.67 14.64 15.88
C LYS D 262 3.51 13.76 16.35
N GLY D 263 3.84 12.72 17.11
CA GLY D 263 2.88 11.75 17.60
C GLY D 263 2.67 10.56 16.69
N SER D 264 3.07 10.64 15.43
CA SER D 264 2.85 9.55 14.50
C SER D 264 3.99 8.53 14.50
N VAL D 265 5.12 8.85 15.14
CA VAL D 265 6.26 7.94 15.24
C VAL D 265 6.74 7.95 16.68
N VAL D 266 6.71 6.78 17.34
CA VAL D 266 7.26 6.61 18.68
C VAL D 266 8.35 5.55 18.58
N ASN D 267 9.58 5.93 18.92
CA ASN D 267 10.67 4.98 18.78
C ASN D 267 10.64 3.94 19.92
N VAL D 268 11.52 2.95 19.83
CA VAL D 268 11.50 1.85 20.78
C VAL D 268 11.90 2.32 22.18
N GLN D 269 12.55 3.47 22.29
CA GLN D 269 12.84 4.11 23.57
C GLN D 269 11.66 4.90 24.10
N GLY D 270 10.53 4.92 23.39
CA GLY D 270 9.33 5.56 23.85
C GLY D 270 9.21 7.05 23.57
N LYS D 271 10.08 7.61 22.74
CA LYS D 271 10.10 9.04 22.46
C LYS D 271 9.53 9.32 21.07
N ASP D 272 8.85 10.46 20.94
CA ASP D 272 8.35 10.89 19.64
C ASP D 272 9.52 11.27 18.74
N GLU D 273 9.49 10.79 17.51
CA GLU D 273 10.41 11.25 16.47
C GLU D 273 9.61 12.08 15.48
N TYR D 274 10.10 13.28 15.16
CA TYR D 274 9.38 14.13 14.24
C TYR D 274 10.30 15.18 13.63
N THR D 275 9.78 15.87 12.63
CA THR D 275 10.49 16.94 11.93
C THR D 275 10.52 18.16 12.83
N VAL D 276 11.66 18.38 13.50
CA VAL D 276 11.75 19.49 14.43
C VAL D 276 11.92 20.82 13.69
N TYR D 277 12.58 20.81 12.54
CA TYR D 277 12.65 21.99 11.69
C TYR D 277 12.75 21.58 10.24
N THR D 278 12.37 22.54 9.38
CA THR D 278 12.59 22.48 7.95
C THR D 278 13.39 23.73 7.59
N ALA D 279 14.45 23.55 6.82
CA ALA D 279 15.32 24.68 6.50
C ALA D 279 15.69 24.64 5.02
N CYS D 280 15.79 25.82 4.41
CA CYS D 280 16.17 25.99 3.02
C CYS D 280 17.22 27.07 2.91
N TYR D 281 18.35 26.76 2.26
CA TYR D 281 19.31 27.78 1.88
C TYR D 281 19.08 28.18 0.42
N SER D 282 18.93 29.48 0.20
CA SER D 282 18.83 30.03 -1.15
C SER D 282 20.18 30.64 -1.51
N SER D 283 20.88 30.01 -2.45
CA SER D 283 22.21 30.50 -2.83
C SER D 283 22.14 31.91 -3.41
N GLY D 284 21.06 32.21 -4.15
CA GLY D 284 20.97 33.49 -4.84
C GLY D 284 20.73 34.67 -3.91
N SER D 285 20.15 34.43 -2.74
CA SER D 285 19.92 35.50 -1.78
C SER D 285 20.77 35.37 -0.53
N LYS D 286 21.60 34.33 -0.45
CA LYS D 286 22.44 34.05 0.71
C LYS D 286 21.62 34.00 2.00
N THR D 287 20.38 33.50 1.90
CA THR D 287 19.43 33.51 2.99
C THR D 287 19.10 32.09 3.39
N TYR D 288 19.11 31.84 4.70
CA TYR D 288 18.70 30.56 5.27
C TYR D 288 17.32 30.75 5.85
N TYR D 289 16.33 30.05 5.29
CA TYR D 289 14.95 30.07 5.76
C TYR D 289 14.69 28.86 6.64
N CYS D 290 13.90 29.04 7.69
CA CYS D 290 13.54 27.89 8.51
C CYS D 290 12.25 28.15 9.28
N ASN D 291 11.54 27.06 9.56
CA ASN D 291 10.50 27.08 10.58
C ASN D 291 10.64 25.83 11.43
N PHE D 292 9.83 25.77 12.48
CA PHE D 292 10.01 24.75 13.50
C PHE D 292 8.66 24.09 13.78
N GLU D 293 8.72 22.90 14.38
CA GLU D 293 7.50 22.14 14.64
C GLU D 293 6.51 22.95 15.47
N ASP D 294 7.00 23.82 16.36
CA ASP D 294 6.13 24.58 17.25
C ASP D 294 6.05 26.06 16.90
N ASP D 295 6.53 26.45 15.71
CA ASP D 295 6.45 27.84 15.26
C ASP D 295 6.60 27.82 13.75
N PHE D 296 5.48 27.98 13.05
CA PHE D 296 5.44 27.82 11.60
C PHE D 296 5.92 29.04 10.84
N GLU D 297 6.13 30.17 11.52
CA GLU D 297 6.54 31.38 10.82
C GLU D 297 7.88 31.15 10.15
N LEU D 298 7.98 31.56 8.89
CA LEU D 298 9.22 31.45 8.12
C LEU D 298 10.21 32.50 8.63
N LYS D 299 11.30 32.04 9.24
CA LYS D 299 12.34 32.93 9.73
C LYS D 299 13.48 33.00 8.72
N THR D 300 14.15 34.15 8.66
CA THR D 300 15.21 34.34 7.67
C THR D 300 16.47 34.85 8.36
N TYR D 301 17.60 34.32 7.91
CA TYR D 301 18.92 34.70 8.40
C TYR D 301 19.83 34.79 7.20
N LYS D 302 20.70 35.80 7.18
CA LYS D 302 21.36 36.20 5.95
C LYS D 302 22.86 36.32 6.17
N LEU D 303 23.63 35.80 5.22
CA LEU D 303 25.05 36.10 5.13
C LEU D 303 25.19 37.42 4.40
N ASP D 304 25.58 38.46 5.12
CA ASP D 304 25.77 39.79 4.54
C ASP D 304 27.13 40.32 4.97
N ASP D 305 27.45 41.54 4.55
CA ASP D 305 28.78 42.07 4.84
C ASP D 305 29.01 42.27 6.33
N LYS D 306 27.94 42.44 7.12
CA LYS D 306 28.11 42.49 8.56
C LYS D 306 28.35 41.10 9.16
N THR D 307 27.46 40.16 8.89
CA THR D 307 27.57 38.85 9.54
C THR D 307 28.77 38.06 9.03
N MET D 308 29.13 38.18 7.75
CA MET D 308 30.25 37.43 7.21
C MET D 308 31.59 37.88 7.78
N ASN D 309 31.69 39.12 8.24
CA ASN D 309 32.94 39.68 8.74
C ASN D 309 32.95 39.84 10.25
N SER D 310 31.99 39.23 10.95
CA SER D 310 31.95 39.28 12.40
C SER D 310 33.22 38.68 13.00
N THR D 311 33.54 39.13 14.21
CA THR D 311 34.63 38.52 14.97
C THR D 311 34.15 37.42 15.90
N SER D 312 32.84 37.21 16.00
CA SER D 312 32.23 36.21 16.86
C SER D 312 31.42 35.24 16.01
N LEU D 313 31.20 34.04 16.54
CA LEU D 313 30.09 33.23 16.05
C LEU D 313 28.80 33.93 16.44
N ILE D 314 27.84 33.95 15.53
CA ILE D 314 26.52 34.51 15.80
C ILE D 314 25.52 33.37 15.78
N THR D 315 24.72 33.27 16.85
CA THR D 315 23.69 32.25 16.91
C THR D 315 22.34 32.90 17.15
N TYR D 316 21.31 32.36 16.51
CA TYR D 316 19.94 32.80 16.68
C TYR D 316 19.15 31.64 17.25
N HIS D 317 18.45 31.89 18.35
CA HIS D 317 17.79 30.81 19.08
C HIS D 317 16.31 30.72 18.74
N HIS D 318 15.72 29.60 19.10
CA HIS D 318 14.30 29.36 18.86
C HIS D 318 13.63 28.91 20.15
#